data_3GNI
#
_entry.id   3GNI
#
_cell.length_a   73.678
_cell.length_b   82.874
_cell.length_c   134.292
_cell.angle_alpha   90.00
_cell.angle_beta   90.00
_cell.angle_gamma   90.00
#
_symmetry.space_group_name_H-M   'P 21 21 21'
#
loop_
_entity.id
_entity.type
_entity.pdbx_description
1 polymer 'Protein Mo25'
2 polymer 'STRAD alpha'
3 non-polymer 'CITRIC ACID'
4 non-polymer "ADENOSINE-5'-TRIPHOSPHATE"
5 water water
#
loop_
_entity_poly.entity_id
_entity_poly.type
_entity_poly.pdbx_seq_one_letter_code
_entity_poly.pdbx_strand_id
1 'polypeptide(L)'
;MPFPFGKSHKSPADIVKNLKESMAVLEKQDISDKKAEKATEEVSKNLVAMKEILYGTNEKEPQTEAVAQLAQELYNSGLL
STLVADLQLIDFEGKKDVAQIFNNILRRQIGTRTPTVEYICTQQNILFMLLKGYESPEIALNCGIMLRECIRHEPLAKII
LWSEQFYDFFRYVEMSTFDIASDAFATFKDLLTRHKLLSAEFLEQHYDRFFSEYEKLLHSENYVTKRQSLKLLGELLLDR
HNFTIMTKYISKPENLKLMMNLLRDKSRNIQFEAFHVFKVFVANPNKTQPILDILLKNQAKLIEFLSKFQNDRTEDEQFN
DEKTYLVKQIRDLKRPAQQEA
;
A
2 'polypeptide(L)'
;MAHHHHHHMENLYFQGMSSFLPEGGCYELLTVIGKGFEDLMTVNLARYKPTGEYVTVRRINLEACSNEMVTFLQGELHVS
KLFNHPNIVPYRATFIADNELWVVTSFMAYGSAKDLICTHFMDGMNELAIAYILQGVLKALDYIHHMGYVHRSVKASHIL
ISVDGKVYLSGLRSNLSMISHGQRQRVVHDFPKYSVKVLPWLSPEVLQQNLQGYDAKSDIYSVGITACELANGHVPFKDM
PATQMLLEKLNGTVPCLLDTSTIPAEELTMSPSRSVANSGLSDSLTTSTPRPSNGDSPSHPYHRTFSPHFHHFVEQCLQR
NPDARPSASTLLNHSFFKQIKRRASEALPELLRPVTPITNFEGSQSQDHSGIFGLVTNLEELEVDDWEF
;
B
#
# COMPACT_ATOMS: atom_id res chain seq x y z
N PRO A 2 31.70 10.14 -2.74
CA PRO A 2 31.70 9.18 -3.84
C PRO A 2 32.27 9.82 -5.13
N PHE A 3 33.44 9.35 -5.54
CA PHE A 3 34.11 9.92 -6.70
C PHE A 3 33.34 9.63 -8.00
N PRO A 4 32.95 10.71 -8.70
CA PRO A 4 32.00 10.67 -9.80
C PRO A 4 32.61 10.28 -11.16
N PHE A 5 32.86 8.99 -11.35
CA PHE A 5 33.32 8.47 -12.64
C PHE A 5 32.26 8.59 -13.75
N GLY A 6 32.72 8.53 -15.01
CA GLY A 6 31.83 8.50 -16.18
C GLY A 6 31.21 7.13 -16.41
N LYS A 7 30.07 7.11 -17.11
CA LYS A 7 29.41 5.85 -17.45
C LYS A 7 29.69 5.46 -18.89
N SER A 8 30.26 4.27 -19.08
CA SER A 8 30.49 3.74 -20.42
C SER A 8 29.26 2.99 -20.92
N HIS A 9 28.87 3.31 -22.14
CA HIS A 9 27.69 2.72 -22.81
C HIS A 9 27.87 1.22 -23.08
N LYS A 10 26.81 0.45 -22.83
CA LYS A 10 26.82 -1.00 -23.04
C LYS A 10 25.57 -1.50 -23.77
N SER A 11 25.78 -2.44 -24.69
CA SER A 11 24.68 -3.08 -25.44
C SER A 11 23.78 -3.90 -24.49
N PRO A 12 22.50 -4.08 -24.86
CA PRO A 12 21.63 -4.99 -24.11
C PRO A 12 22.23 -6.39 -23.92
N ALA A 13 22.90 -6.91 -24.95
CA ALA A 13 23.50 -8.25 -24.94
C ALA A 13 24.58 -8.39 -23.88
N ASP A 14 25.45 -7.39 -23.79
CA ASP A 14 26.54 -7.35 -22.82
C ASP A 14 26.03 -7.11 -21.40
N ILE A 15 24.94 -6.34 -21.28
CA ILE A 15 24.27 -6.13 -20.00
C ILE A 15 23.66 -7.43 -19.49
N VAL A 16 22.98 -8.16 -20.38
CA VAL A 16 22.39 -9.45 -20.00
C VAL A 16 23.48 -10.44 -19.54
N LYS A 17 24.55 -10.51 -20.34
CA LYS A 17 25.74 -11.30 -20.07
C LYS A 17 26.40 -10.96 -18.72
N ASN A 18 26.65 -9.67 -18.49
CA ASN A 18 27.20 -9.17 -17.22
C ASN A 18 26.38 -9.64 -16.01
N LEU A 19 25.07 -9.48 -16.11
CA LEU A 19 24.14 -9.82 -15.04
C LEU A 19 24.09 -11.33 -14.78
N LYS A 20 24.07 -12.10 -15.86
CA LYS A 20 24.13 -13.57 -15.80
C LYS A 20 25.35 -14.04 -15.00
N GLU A 21 26.52 -13.48 -15.32
CA GLU A 21 27.77 -13.79 -14.62
C GLU A 21 27.80 -13.28 -13.19
N SER A 22 27.24 -12.11 -12.94
CA SER A 22 27.18 -11.61 -11.56
C SER A 22 26.17 -12.36 -10.68
N MET A 23 25.03 -12.74 -11.24
CA MET A 23 24.07 -13.57 -10.49
C MET A 23 24.71 -14.89 -10.07
N ALA A 24 25.44 -15.54 -10.98
CA ALA A 24 26.15 -16.80 -10.69
C ALA A 24 27.12 -16.71 -9.49
N VAL A 25 27.79 -15.57 -9.34
CA VAL A 25 28.68 -15.31 -8.19
C VAL A 25 27.91 -15.22 -6.86
N LEU A 26 26.82 -14.44 -6.86
CA LEU A 26 25.92 -14.30 -5.71
C LEU A 26 25.28 -15.61 -5.22
N GLU A 27 25.07 -16.55 -6.13
CA GLU A 27 24.44 -17.82 -5.74
C GLU A 27 25.40 -18.67 -4.92
N LYS A 28 26.70 -18.45 -5.11
CA LYS A 28 27.77 -19.17 -4.40
C LYS A 28 27.93 -18.70 -2.94
N GLN A 29 28.06 -19.66 -2.03
CA GLN A 29 28.39 -19.35 -0.63
C GLN A 29 29.86 -19.04 -0.40
N ASP A 30 30.72 -19.82 -1.04
CA ASP A 30 32.12 -19.84 -0.67
C ASP A 30 32.94 -18.85 -1.47
N ILE A 31 32.67 -17.58 -1.23
CA ILE A 31 33.40 -16.50 -1.86
C ILE A 31 33.70 -15.43 -0.81
N SER A 32 34.81 -14.71 -0.98
CA SER A 32 35.21 -13.64 -0.06
C SER A 32 34.18 -12.53 -0.02
N ASP A 33 34.17 -11.78 1.07
CA ASP A 33 33.24 -10.67 1.24
C ASP A 33 33.37 -9.62 0.13
N LYS A 34 34.60 -9.36 -0.33
CA LYS A 34 34.84 -8.41 -1.41
C LYS A 34 34.32 -8.90 -2.77
N LYS A 35 34.52 -10.18 -3.07
CA LYS A 35 33.96 -10.78 -4.28
C LYS A 35 32.42 -10.73 -4.29
N ALA A 36 31.80 -10.98 -3.14
CA ALA A 36 30.33 -10.92 -2.99
C ALA A 36 29.82 -9.48 -3.13
N GLU A 37 30.58 -8.56 -2.53
CA GLU A 37 30.31 -7.14 -2.55
C GLU A 37 30.39 -6.62 -3.98
N LYS A 38 31.44 -7.02 -4.70
CA LYS A 38 31.63 -6.69 -6.11
C LYS A 38 30.46 -7.15 -6.97
N ALA A 39 30.04 -8.40 -6.79
CA ALA A 39 28.92 -8.94 -7.55
C ALA A 39 27.61 -8.24 -7.17
N THR A 40 27.45 -7.90 -5.89
CA THR A 40 26.30 -7.13 -5.42
C THR A 40 26.21 -5.79 -6.15
N GLU A 41 27.33 -5.05 -6.21
CA GLU A 41 27.37 -3.77 -6.91
C GLU A 41 27.08 -3.89 -8.39
N GLU A 42 27.60 -4.94 -9.03
CA GLU A 42 27.40 -5.17 -10.47
C GLU A 42 25.96 -5.54 -10.84
N VAL A 43 25.36 -6.46 -10.08
CA VAL A 43 23.95 -6.80 -10.24
C VAL A 43 23.11 -5.52 -10.21
N SER A 44 23.28 -4.76 -9.12
CA SER A 44 22.60 -3.47 -8.91
C SER A 44 22.70 -2.52 -10.12
N LYS A 45 23.91 -2.35 -10.66
CA LYS A 45 24.18 -1.39 -11.74
C LYS A 45 23.61 -1.85 -13.07
N ASN A 46 23.68 -3.15 -13.34
CA ASN A 46 23.07 -3.78 -14.53
C ASN A 46 21.55 -3.69 -14.53
N LEU A 47 20.94 -3.93 -13.36
CA LEU A 47 19.50 -3.81 -13.20
C LEU A 47 19.03 -2.37 -13.43
N VAL A 48 19.77 -1.39 -12.89
CA VAL A 48 19.49 0.02 -13.17
C VAL A 48 19.59 0.30 -14.68
N ALA A 49 20.62 -0.24 -15.32
CA ALA A 49 20.81 -0.09 -16.76
C ALA A 49 19.67 -0.69 -17.60
N MET A 50 19.17 -1.86 -17.19
CA MET A 50 18.07 -2.54 -17.87
C MET A 50 16.76 -1.78 -17.75
N LYS A 51 16.43 -1.39 -16.51
CA LYS A 51 15.32 -0.52 -16.21
C LYS A 51 15.32 0.73 -17.12
N GLU A 52 16.49 1.36 -17.27
CA GLU A 52 16.57 2.58 -18.06
C GLU A 52 16.40 2.36 -19.56
N ILE A 53 16.77 1.19 -20.05
CA ILE A 53 16.47 0.80 -21.43
C ILE A 53 14.96 0.64 -21.68
N LEU A 54 14.25 0.13 -20.68
CA LEU A 54 12.83 -0.21 -20.83
C LEU A 54 11.90 0.96 -20.54
N TYR A 55 12.24 1.76 -19.52
CA TYR A 55 11.44 2.93 -19.18
C TYR A 55 12.00 4.24 -19.75
N GLY A 56 13.27 4.21 -20.16
CA GLY A 56 14.00 5.42 -20.53
C GLY A 56 14.35 6.22 -19.29
N THR A 57 14.44 7.53 -19.45
CA THR A 57 14.78 8.42 -18.35
C THR A 57 13.87 9.65 -18.33
N ASN A 58 14.23 10.63 -17.52
CA ASN A 58 13.53 11.91 -17.49
C ASN A 58 13.85 12.73 -18.75
N GLU A 59 14.89 12.33 -19.45
CA GLU A 59 15.35 13.02 -20.66
C GLU A 59 15.02 12.26 -21.95
N LYS A 60 15.17 10.94 -21.91
CA LYS A 60 14.99 10.07 -23.08
C LYS A 60 13.84 9.08 -22.87
N GLU A 61 13.04 8.85 -23.91
CA GLU A 61 12.05 7.77 -23.88
C GLU A 61 12.68 6.49 -24.45
N PRO A 62 12.14 5.31 -24.08
CA PRO A 62 12.71 4.06 -24.56
C PRO A 62 12.63 3.90 -26.08
N GLN A 63 13.71 3.42 -26.69
CA GLN A 63 13.78 3.18 -28.12
C GLN A 63 13.62 1.70 -28.45
N THR A 64 12.73 1.41 -29.41
CA THR A 64 12.22 0.05 -29.67
C THR A 64 13.27 -1.02 -29.98
N GLU A 65 14.31 -0.63 -30.72
CA GLU A 65 15.42 -1.52 -31.07
C GLU A 65 16.12 -2.04 -29.82
N ALA A 66 16.50 -1.12 -28.93
CA ALA A 66 17.13 -1.47 -27.66
C ALA A 66 16.23 -2.37 -26.83
N VAL A 67 14.94 -2.06 -26.80
CA VAL A 67 13.95 -2.80 -26.02
C VAL A 67 13.80 -4.24 -26.55
N ALA A 68 13.75 -4.36 -27.87
CA ALA A 68 13.57 -5.65 -28.55
C ALA A 68 14.79 -6.56 -28.44
N GLN A 69 15.99 -5.97 -28.49
CA GLN A 69 17.25 -6.69 -28.25
C GLN A 69 17.26 -7.22 -26.81
N LEU A 70 16.86 -6.37 -25.88
CA LEU A 70 16.87 -6.71 -24.47
C LEU A 70 15.89 -7.85 -24.15
N ALA A 71 14.64 -7.71 -24.56
CA ALA A 71 13.63 -8.77 -24.32
C ALA A 71 14.09 -10.10 -24.90
N GLN A 72 14.56 -10.09 -26.15
CA GLN A 72 15.09 -11.29 -26.80
C GLN A 72 16.18 -11.94 -25.95
N GLU A 73 17.18 -11.14 -25.56
CA GLU A 73 18.30 -11.59 -24.75
C GLU A 73 17.82 -12.16 -23.42
N LEU A 74 16.88 -11.45 -22.79
CA LEU A 74 16.29 -11.90 -21.53
C LEU A 74 15.63 -13.29 -21.65
N TYR A 75 14.92 -13.54 -22.75
CA TYR A 75 14.24 -14.83 -22.97
C TYR A 75 15.24 -15.95 -23.23
N ASN A 76 16.28 -15.65 -24.00
CA ASN A 76 17.26 -16.66 -24.37
C ASN A 76 18.15 -17.10 -23.21
N SER A 77 18.36 -16.20 -22.25
CA SER A 77 19.26 -16.43 -21.14
C SER A 77 18.63 -17.11 -19.92
N GLY A 78 17.30 -17.08 -19.82
CA GLY A 78 16.57 -17.64 -18.67
C GLY A 78 16.68 -16.80 -17.42
N LEU A 79 17.04 -15.53 -17.61
CA LEU A 79 17.33 -14.59 -16.54
C LEU A 79 16.07 -14.14 -15.84
N LEU A 80 14.94 -14.14 -16.57
CA LEU A 80 13.62 -13.89 -15.97
C LEU A 80 13.28 -14.90 -14.90
N SER A 81 13.74 -16.12 -15.08
CA SER A 81 13.56 -17.18 -14.10
C SER A 81 14.60 -17.01 -12.98
N THR A 82 15.85 -16.79 -13.35
CA THR A 82 16.98 -16.66 -12.41
C THR A 82 16.81 -15.50 -11.42
N LEU A 83 16.29 -14.37 -11.91
CA LEU A 83 16.10 -13.17 -11.10
C LEU A 83 14.98 -13.36 -10.09
N VAL A 84 13.92 -14.07 -10.47
CA VAL A 84 12.86 -14.42 -9.52
C VAL A 84 13.39 -15.44 -8.52
N ALA A 85 14.09 -16.46 -9.01
CA ALA A 85 14.62 -17.54 -8.14
C ALA A 85 15.64 -17.02 -7.11
N ASP A 86 16.39 -15.99 -7.48
CA ASP A 86 17.51 -15.48 -6.69
C ASP A 86 17.17 -14.11 -6.10
N LEU A 87 15.92 -13.69 -6.24
CA LEU A 87 15.46 -12.39 -5.75
C LEU A 87 15.97 -12.02 -4.36
N GLN A 88 16.01 -13.00 -3.47
CA GLN A 88 16.48 -12.81 -2.10
C GLN A 88 17.95 -12.35 -1.99
N LEU A 89 18.73 -12.60 -3.03
CA LEU A 89 20.16 -12.32 -2.99
C LEU A 89 20.47 -10.89 -3.41
N ILE A 90 19.43 -10.19 -3.87
CA ILE A 90 19.58 -8.87 -4.48
C ILE A 90 19.32 -7.78 -3.43
N ASP A 91 19.97 -6.63 -3.59
CA ASP A 91 19.79 -5.47 -2.69
C ASP A 91 18.35 -4.89 -2.70
N PHE A 92 18.02 -4.08 -1.71
CA PHE A 92 16.69 -3.48 -1.58
C PHE A 92 16.16 -2.85 -2.88
N GLU A 93 16.97 -2.00 -3.50
CA GLU A 93 16.55 -1.24 -4.67
C GLU A 93 16.58 -2.06 -5.96
N GLY A 94 17.49 -3.03 -6.02
CA GLY A 94 17.53 -3.97 -7.15
C GLY A 94 16.33 -4.89 -7.18
N LYS A 95 15.81 -5.26 -6.01
CA LYS A 95 14.60 -6.08 -5.93
C LYS A 95 13.41 -5.37 -6.54
N LYS A 96 13.33 -4.06 -6.31
CA LYS A 96 12.30 -3.19 -6.91
C LYS A 96 12.55 -3.02 -8.41
N ASP A 97 13.82 -2.92 -8.79
CA ASP A 97 14.20 -2.95 -10.22
C ASP A 97 13.81 -4.24 -10.95
N VAL A 98 13.99 -5.39 -10.30
CA VAL A 98 13.55 -6.65 -10.91
C VAL A 98 12.06 -6.60 -11.20
N ALA A 99 11.25 -6.23 -10.21
CA ALA A 99 9.81 -6.06 -10.38
C ALA A 99 9.44 -5.17 -11.56
N GLN A 100 10.07 -4.00 -11.66
CA GLN A 100 9.79 -3.06 -12.75
C GLN A 100 10.16 -3.60 -14.14
N ILE A 101 11.36 -4.17 -14.26
CA ILE A 101 11.82 -4.86 -15.48
C ILE A 101 10.88 -5.98 -15.92
N PHE A 102 10.47 -6.80 -14.97
CA PHE A 102 9.61 -7.95 -15.19
C PHE A 102 8.25 -7.51 -15.67
N ASN A 103 7.66 -6.53 -14.97
CA ASN A 103 6.36 -5.97 -15.31
C ASN A 103 6.32 -5.37 -16.70
N ASN A 104 7.40 -4.70 -17.08
CA ASN A 104 7.48 -4.03 -18.38
C ASN A 104 7.60 -5.02 -19.55
N ILE A 105 8.45 -6.03 -19.39
CA ILE A 105 8.58 -7.13 -20.34
C ILE A 105 7.24 -7.85 -20.52
N LEU A 106 6.59 -8.14 -19.40
CA LEU A 106 5.31 -8.86 -19.36
C LEU A 106 4.20 -8.16 -20.13
N ARG A 107 4.21 -6.83 -20.12
CA ARG A 107 3.23 -6.03 -20.85
C ARG A 107 3.58 -5.93 -22.33
N ARG A 108 4.75 -6.43 -22.69
CA ARG A 108 5.27 -6.30 -24.07
C ARG A 108 4.33 -7.05 -25.00
N GLN A 109 4.02 -6.41 -26.13
CA GLN A 109 2.96 -6.86 -26.99
C GLN A 109 3.34 -6.62 -28.44
N ILE A 110 3.62 -7.71 -29.16
CA ILE A 110 3.90 -7.67 -30.60
C ILE A 110 2.63 -8.08 -31.35
N GLY A 111 1.93 -7.09 -31.90
CA GLY A 111 0.62 -7.29 -32.52
C GLY A 111 -0.44 -7.62 -31.49
N THR A 112 -1.17 -8.71 -31.74
CA THR A 112 -2.16 -9.21 -30.78
C THR A 112 -1.47 -10.08 -29.74
N ARG A 113 -0.32 -10.63 -30.11
CA ARG A 113 0.43 -11.55 -29.27
C ARG A 113 1.08 -10.89 -28.06
N THR A 114 1.30 -11.70 -27.03
CA THR A 114 1.93 -11.22 -25.81
C THR A 114 3.02 -12.24 -25.41
N PRO A 115 4.24 -12.05 -25.94
CA PRO A 115 5.34 -13.02 -25.93
C PRO A 115 5.84 -13.50 -24.57
N THR A 116 5.67 -12.70 -23.53
CA THR A 116 6.21 -13.03 -22.23
C THR A 116 5.28 -14.03 -21.57
N VAL A 117 3.98 -13.87 -21.82
CA VAL A 117 2.97 -14.80 -21.35
C VAL A 117 3.28 -16.18 -21.91
N GLU A 118 3.51 -16.24 -23.23
CA GLU A 118 3.91 -17.45 -23.93
C GLU A 118 5.12 -18.09 -23.25
N TYR A 119 6.10 -17.25 -22.87
CA TYR A 119 7.33 -17.74 -22.28
C TYR A 119 7.11 -18.29 -20.87
N ILE A 120 6.29 -17.60 -20.08
CA ILE A 120 6.01 -18.09 -18.72
C ILE A 120 5.21 -19.39 -18.73
N CYS A 121 4.46 -19.64 -19.81
CA CYS A 121 3.73 -20.89 -19.96
C CYS A 121 4.68 -22.07 -20.18
N THR A 122 5.85 -21.78 -20.73
CA THR A 122 6.89 -22.80 -20.86
C THR A 122 7.74 -22.86 -19.59
N GLN A 123 7.60 -21.85 -18.72
CA GLN A 123 8.42 -21.75 -17.52
C GLN A 123 7.59 -21.41 -16.30
N GLN A 124 6.69 -22.33 -15.94
CA GLN A 124 5.62 -22.06 -14.97
C GLN A 124 6.03 -21.93 -13.51
N ASN A 125 7.18 -22.49 -13.14
CA ASN A 125 7.67 -22.39 -11.76
C ASN A 125 7.97 -20.95 -11.35
N ILE A 126 8.14 -20.06 -12.33
CA ILE A 126 8.24 -18.61 -12.04
C ILE A 126 7.05 -18.17 -11.20
N LEU A 127 5.83 -18.51 -11.64
CA LEU A 127 4.59 -18.22 -10.91
C LEU A 127 4.59 -18.78 -9.50
N PHE A 128 5.05 -20.02 -9.36
CA PHE A 128 5.03 -20.68 -8.06
C PHE A 128 6.11 -20.12 -7.11
N MET A 129 7.25 -19.70 -7.66
CA MET A 129 8.29 -19.00 -6.88
C MET A 129 7.81 -17.63 -6.36
N LEU A 130 7.09 -16.90 -7.22
CA LEU A 130 6.48 -15.62 -6.81
C LEU A 130 5.47 -15.81 -5.69
N LEU A 131 4.59 -16.79 -5.83
CA LEU A 131 3.59 -17.11 -4.82
C LEU A 131 4.28 -17.49 -3.49
N LYS A 132 5.27 -18.38 -3.56
CA LYS A 132 6.05 -18.77 -2.38
C LYS A 132 6.77 -17.58 -1.73
N GLY A 133 7.00 -16.52 -2.49
CA GLY A 133 7.65 -15.32 -2.00
C GLY A 133 6.91 -14.66 -0.86
N TYR A 134 5.62 -14.92 -0.74
CA TYR A 134 4.81 -14.34 0.34
C TYR A 134 5.29 -14.75 1.72
N GLU A 135 5.97 -15.88 1.80
CA GLU A 135 6.43 -16.45 3.06
C GLU A 135 7.74 -15.85 3.56
N SER A 136 8.31 -14.93 2.78
CA SER A 136 9.59 -14.33 3.09
C SER A 136 9.47 -12.82 3.10
N PRO A 137 9.56 -12.20 4.29
CA PRO A 137 9.27 -10.75 4.41
C PRO A 137 10.13 -9.85 3.50
N GLU A 138 11.37 -10.24 3.23
CA GLU A 138 12.27 -9.43 2.42
C GLU A 138 11.89 -9.34 0.95
N ILE A 139 11.24 -10.36 0.42
CA ILE A 139 10.88 -10.43 -1.00
C ILE A 139 9.37 -10.38 -1.29
N ALA A 140 8.57 -10.42 -0.24
CA ALA A 140 7.12 -10.66 -0.37
C ALA A 140 6.40 -9.59 -1.21
N LEU A 141 6.71 -8.32 -0.93
CA LEU A 141 6.03 -7.21 -1.57
C LEU A 141 6.35 -7.17 -3.06
N ASN A 142 7.62 -7.30 -3.40
CA ASN A 142 8.05 -7.36 -4.79
C ASN A 142 7.54 -8.57 -5.55
N CYS A 143 7.47 -9.72 -4.90
CA CYS A 143 6.85 -10.89 -5.48
C CYS A 143 5.38 -10.64 -5.76
N GLY A 144 4.69 -10.06 -4.77
CA GLY A 144 3.27 -9.72 -4.91
C GLY A 144 2.99 -8.85 -6.10
N ILE A 145 3.76 -7.76 -6.25
CA ILE A 145 3.66 -6.83 -7.38
C ILE A 145 3.83 -7.56 -8.72
N MET A 146 4.83 -8.42 -8.82
CA MET A 146 5.09 -9.21 -10.02
C MET A 146 3.99 -10.22 -10.33
N LEU A 147 3.53 -10.94 -9.31
CA LEU A 147 2.46 -11.92 -9.42
C LEU A 147 1.13 -11.29 -9.83
N ARG A 148 0.86 -10.12 -9.27
CA ARG A 148 -0.38 -9.41 -9.57
C ARG A 148 -0.40 -8.92 -11.03
N GLU A 149 0.78 -8.65 -11.60
CA GLU A 149 0.87 -8.32 -13.01
C GLU A 149 0.77 -9.55 -13.89
N CYS A 150 1.28 -10.68 -13.41
CA CYS A 150 1.14 -11.95 -14.14
C CYS A 150 -0.30 -12.34 -14.31
N ILE A 151 -1.07 -12.24 -13.22
CA ILE A 151 -2.42 -12.80 -13.19
C ILE A 151 -3.43 -11.94 -13.93
N ARG A 152 -2.98 -10.80 -14.44
CA ARG A 152 -3.76 -9.97 -15.38
C ARG A 152 -4.01 -10.74 -16.69
N HIS A 153 -3.11 -11.68 -16.97
CA HIS A 153 -3.19 -12.47 -18.20
C HIS A 153 -3.83 -13.81 -17.89
N GLU A 154 -4.89 -14.12 -18.60
CA GLU A 154 -5.73 -15.27 -18.31
C GLU A 154 -4.99 -16.61 -18.23
N PRO A 155 -4.07 -16.91 -19.19
CA PRO A 155 -3.36 -18.18 -19.11
C PRO A 155 -2.58 -18.37 -17.81
N LEU A 156 -2.03 -17.27 -17.28
CA LEU A 156 -1.22 -17.33 -16.07
C LEU A 156 -2.10 -17.43 -14.82
N ALA A 157 -3.19 -16.67 -14.81
CA ALA A 157 -4.28 -16.84 -13.85
C ALA A 157 -4.76 -18.30 -13.75
N LYS A 158 -4.95 -18.97 -14.89
CA LYS A 158 -5.45 -20.36 -14.92
C LYS A 158 -4.48 -21.34 -14.28
N ILE A 159 -3.20 -21.21 -14.60
CA ILE A 159 -2.14 -22.03 -14.00
C ILE A 159 -2.15 -21.99 -12.46
N ILE A 160 -2.22 -20.80 -11.89
CA ILE A 160 -2.31 -20.65 -10.44
C ILE A 160 -3.61 -21.19 -9.85
N LEU A 161 -4.74 -20.89 -10.48
CA LEU A 161 -6.05 -21.30 -9.99
C LEU A 161 -6.25 -22.80 -9.93
N TRP A 162 -5.65 -23.52 -10.88
CA TRP A 162 -5.79 -24.97 -10.97
C TRP A 162 -4.70 -25.78 -10.25
N SER A 163 -3.85 -25.08 -9.51
CA SER A 163 -2.72 -25.70 -8.80
C SER A 163 -3.06 -26.02 -7.34
N GLU A 164 -2.28 -26.92 -6.74
CA GLU A 164 -2.29 -27.17 -5.31
C GLU A 164 -1.92 -25.93 -4.52
N GLN A 165 -0.97 -25.17 -5.05
CA GLN A 165 -0.38 -24.03 -4.35
C GLN A 165 -1.35 -22.87 -4.10
N PHE A 166 -2.38 -22.73 -4.94
CA PHE A 166 -3.44 -21.73 -4.75
C PHE A 166 -3.99 -21.70 -3.30
N TYR A 167 -4.14 -22.86 -2.67
CA TYR A 167 -4.74 -22.95 -1.33
C TYR A 167 -3.87 -22.38 -0.22
N ASP A 168 -2.60 -22.13 -0.53
CA ASP A 168 -1.67 -21.45 0.37
C ASP A 168 -2.10 -20.01 0.67
N PHE A 169 -2.88 -19.43 -0.25
CA PHE A 169 -3.45 -18.10 -0.10
C PHE A 169 -4.28 -18.00 1.20
N PHE A 170 -4.99 -19.06 1.55
CA PHE A 170 -5.82 -19.06 2.75
C PHE A 170 -4.99 -18.87 4.03
N ARG A 171 -3.75 -19.37 4.02
CA ARG A 171 -2.76 -19.04 5.04
C ARG A 171 -2.27 -17.58 4.90
N TYR A 172 -1.83 -17.20 3.69
CA TYR A 172 -1.20 -15.89 3.46
C TYR A 172 -2.08 -14.70 3.83
N VAL A 173 -3.38 -14.79 3.55
CA VAL A 173 -4.32 -13.69 3.82
C VAL A 173 -4.59 -13.42 5.33
N GLU A 174 -4.10 -14.33 6.18
CA GLU A 174 -4.28 -14.26 7.62
C GLU A 174 -2.94 -14.06 8.35
N MET A 175 -1.89 -13.80 7.59
CA MET A 175 -0.56 -13.54 8.10
C MET A 175 -0.62 -12.32 9.04
N SER A 176 0.12 -12.37 10.14
CA SER A 176 0.04 -11.31 11.14
C SER A 176 0.68 -9.96 10.74
N THR A 177 1.63 -9.97 9.80
CA THR A 177 2.12 -8.75 9.15
C THR A 177 1.06 -8.30 8.13
N PHE A 178 0.36 -7.22 8.43
CA PHE A 178 -0.86 -6.82 7.73
C PHE A 178 -0.60 -6.30 6.32
N ASP A 179 0.53 -5.65 6.12
CA ASP A 179 0.93 -5.20 4.78
C ASP A 179 1.03 -6.39 3.79
N ILE A 180 1.58 -7.52 4.23
CA ILE A 180 1.68 -8.68 3.33
C ILE A 180 0.36 -9.42 3.17
N ALA A 181 -0.36 -9.65 4.28
CA ALA A 181 -1.70 -10.22 4.26
C ALA A 181 -2.67 -9.45 3.33
N SER A 182 -2.63 -8.13 3.38
CA SER A 182 -3.41 -7.25 2.50
C SER A 182 -3.05 -7.41 1.03
N ASP A 183 -1.75 -7.38 0.75
CA ASP A 183 -1.20 -7.65 -0.58
C ASP A 183 -1.68 -8.99 -1.14
N ALA A 184 -1.65 -10.04 -0.32
CA ALA A 184 -2.04 -11.40 -0.73
C ALA A 184 -3.54 -11.53 -0.98
N PHE A 185 -4.33 -10.89 -0.11
CA PHE A 185 -5.77 -10.87 -0.31
C PHE A 185 -6.13 -10.10 -1.58
N ALA A 186 -5.37 -9.05 -1.91
CA ALA A 186 -5.58 -8.33 -3.17
C ALA A 186 -5.39 -9.21 -4.41
N THR A 187 -4.38 -10.08 -4.37
CA THR A 187 -4.06 -10.98 -5.47
C THR A 187 -5.12 -12.08 -5.56
N PHE A 188 -5.54 -12.56 -4.40
CA PHE A 188 -6.54 -13.62 -4.23
C PHE A 188 -7.89 -13.16 -4.79
N LYS A 189 -8.28 -11.92 -4.46
CA LYS A 189 -9.53 -11.33 -4.92
C LYS A 189 -9.50 -11.10 -6.44
N ASP A 190 -8.39 -10.54 -6.94
CA ASP A 190 -8.19 -10.39 -8.36
C ASP A 190 -8.36 -11.72 -9.14
N LEU A 191 -7.72 -12.78 -8.67
CA LEU A 191 -7.86 -14.12 -9.24
C LEU A 191 -9.31 -14.61 -9.38
N LEU A 192 -10.10 -14.33 -8.35
CA LEU A 192 -11.47 -14.80 -8.27
C LEU A 192 -12.45 -13.90 -8.99
N THR A 193 -12.03 -12.68 -9.38
CA THR A 193 -12.95 -11.68 -9.91
C THR A 193 -12.62 -11.09 -11.28
N ARG A 194 -11.39 -11.23 -11.75
CA ARG A 194 -10.98 -10.57 -12.98
C ARG A 194 -11.45 -11.32 -14.24
N HIS A 195 -11.04 -12.59 -14.35
CA HIS A 195 -11.46 -13.43 -15.47
C HIS A 195 -12.62 -14.30 -14.99
N LYS A 196 -13.80 -13.76 -15.17
CA LYS A 196 -15.02 -14.23 -14.54
C LYS A 196 -15.50 -15.59 -15.03
N LEU A 197 -15.25 -15.89 -16.29
CA LEU A 197 -15.55 -17.22 -16.81
C LEU A 197 -14.62 -18.26 -16.19
N LEU A 198 -13.32 -17.94 -16.18
CA LEU A 198 -12.29 -18.78 -15.59
C LEU A 198 -12.55 -19.05 -14.11
N SER A 199 -12.94 -17.99 -13.41
CA SER A 199 -13.24 -18.05 -11.99
C SER A 199 -14.48 -18.91 -11.73
N ALA A 200 -15.51 -18.74 -12.56
CA ALA A 200 -16.74 -19.52 -12.44
C ALA A 200 -16.45 -21.01 -12.62
N GLU A 201 -15.61 -21.35 -13.60
CA GLU A 201 -15.21 -22.73 -13.87
C GLU A 201 -14.42 -23.31 -12.69
N PHE A 202 -13.43 -22.54 -12.21
CA PHE A 202 -12.65 -22.92 -11.01
C PHE A 202 -13.54 -23.24 -9.82
N LEU A 203 -14.52 -22.37 -9.54
CA LEU A 203 -15.41 -22.56 -8.40
C LEU A 203 -16.33 -23.78 -8.54
N GLU A 204 -16.87 -24.02 -9.72
CA GLU A 204 -17.66 -25.21 -9.98
C GLU A 204 -16.84 -26.48 -9.79
N GLN A 205 -15.61 -26.48 -10.31
CA GLN A 205 -14.76 -27.66 -10.29
C GLN A 205 -14.09 -27.95 -8.94
N HIS A 206 -13.88 -26.91 -8.13
CA HIS A 206 -13.18 -27.06 -6.86
C HIS A 206 -14.07 -26.63 -5.71
N TYR A 207 -15.38 -26.62 -5.95
CA TYR A 207 -16.35 -26.12 -4.98
C TYR A 207 -16.07 -26.49 -3.54
N ASP A 208 -15.97 -27.80 -3.29
CA ASP A 208 -15.93 -28.36 -1.94
C ASP A 208 -14.66 -27.94 -1.18
N ARG A 209 -13.50 -28.09 -1.82
CA ARG A 209 -12.25 -27.68 -1.16
C ARG A 209 -12.20 -26.16 -0.92
N PHE A 210 -12.59 -25.38 -1.93
CA PHE A 210 -12.57 -23.93 -1.84
C PHE A 210 -13.44 -23.42 -0.71
N PHE A 211 -14.70 -23.88 -0.65
CA PHE A 211 -15.65 -23.37 0.34
C PHE A 211 -15.41 -23.91 1.71
N SER A 212 -14.73 -25.06 1.79
CA SER A 212 -14.27 -25.60 3.07
C SER A 212 -13.17 -24.68 3.67
N GLU A 213 -12.23 -24.27 2.83
CA GLU A 213 -11.21 -23.29 3.19
C GLU A 213 -11.82 -21.92 3.45
N TYR A 214 -12.76 -21.50 2.60
CA TYR A 214 -13.41 -20.18 2.71
C TYR A 214 -14.20 -20.05 4.00
N GLU A 215 -14.83 -21.14 4.41
CA GLU A 215 -15.58 -21.19 5.67
C GLU A 215 -14.69 -20.81 6.86
N LYS A 216 -13.42 -21.21 6.83
CA LYS A 216 -12.47 -20.89 7.89
C LYS A 216 -12.16 -19.39 8.01
N LEU A 217 -12.20 -18.68 6.88
CA LEU A 217 -11.95 -17.24 6.82
C LEU A 217 -13.10 -16.47 7.46
N LEU A 218 -14.31 -16.99 7.29
CA LEU A 218 -15.51 -16.43 7.87
C LEU A 218 -15.57 -16.67 9.39
N HIS A 219 -14.70 -17.53 9.90
CA HIS A 219 -14.61 -17.75 11.36
C HIS A 219 -13.37 -17.08 11.95
N SER A 220 -12.61 -16.35 11.12
CA SER A 220 -11.32 -15.77 11.53
C SER A 220 -11.39 -14.91 12.79
N GLU A 221 -10.36 -15.02 13.61
CA GLU A 221 -10.20 -14.17 14.79
C GLU A 221 -9.66 -12.80 14.35
N ASN A 222 -9.26 -12.66 13.09
CA ASN A 222 -8.79 -11.40 12.51
C ASN A 222 -9.96 -10.59 11.93
N TYR A 223 -10.18 -9.38 12.44
CA TYR A 223 -11.35 -8.56 12.09
C TYR A 223 -11.41 -8.21 10.60
N VAL A 224 -10.27 -7.88 10.01
CA VAL A 224 -10.24 -7.49 8.60
C VAL A 224 -10.45 -8.69 7.69
N THR A 225 -9.78 -9.81 7.99
CA THR A 225 -9.98 -11.08 7.28
C THR A 225 -11.47 -11.39 7.16
N LYS A 226 -12.17 -11.35 8.28
CA LYS A 226 -13.58 -11.65 8.33
C LYS A 226 -14.42 -10.62 7.55
N ARG A 227 -14.16 -9.34 7.79
CA ARG A 227 -14.86 -8.26 7.09
C ARG A 227 -14.66 -8.34 5.55
N GLN A 228 -13.41 -8.42 5.10
CA GLN A 228 -13.09 -8.49 3.68
C GLN A 228 -13.66 -9.74 3.02
N SER A 229 -13.48 -10.88 3.68
CA SER A 229 -13.86 -12.17 3.13
C SER A 229 -15.36 -12.27 2.98
N LEU A 230 -16.09 -11.69 3.92
CA LEU A 230 -17.53 -11.73 3.91
C LEU A 230 -18.06 -10.87 2.78
N LYS A 231 -17.37 -9.75 2.53
CA LYS A 231 -17.68 -8.83 1.44
C LYS A 231 -17.45 -9.47 0.07
N LEU A 232 -16.30 -10.12 -0.09
CA LEU A 232 -15.96 -10.77 -1.34
C LEU A 232 -16.97 -11.89 -1.63
N LEU A 233 -17.37 -12.62 -0.60
CA LEU A 233 -18.39 -13.66 -0.71
C LEU A 233 -19.70 -13.16 -1.31
N GLY A 234 -20.21 -12.05 -0.79
CA GLY A 234 -21.41 -11.41 -1.34
C GLY A 234 -21.25 -11.00 -2.80
N GLU A 235 -20.09 -10.45 -3.13
CA GLU A 235 -19.81 -10.00 -4.51
C GLU A 235 -19.69 -11.18 -5.48
N LEU A 236 -19.21 -12.31 -4.97
CA LEU A 236 -19.08 -13.55 -5.74
C LEU A 236 -20.43 -14.22 -6.04
N LEU A 237 -21.29 -14.31 -5.02
CA LEU A 237 -22.61 -14.94 -5.15
C LEU A 237 -23.61 -14.14 -5.97
N LEU A 238 -23.49 -12.81 -5.97
CA LEU A 238 -24.39 -11.96 -6.77
C LEU A 238 -23.95 -11.81 -8.22
N ASP A 239 -22.78 -12.36 -8.57
CA ASP A 239 -22.31 -12.32 -9.95
C ASP A 239 -22.97 -13.39 -10.83
N ARG A 240 -23.49 -12.96 -11.98
CA ARG A 240 -24.24 -13.83 -12.88
C ARG A 240 -23.45 -15.04 -13.39
N HIS A 241 -22.14 -14.86 -13.57
CA HIS A 241 -21.23 -15.96 -13.93
C HIS A 241 -21.21 -17.08 -12.88
N ASN A 242 -21.54 -16.77 -11.63
CA ASN A 242 -21.46 -17.76 -10.53
C ASN A 242 -22.82 -18.30 -10.07
N PHE A 243 -23.85 -18.14 -10.91
CA PHE A 243 -25.22 -18.53 -10.56
C PHE A 243 -25.34 -19.96 -10.04
N THR A 244 -24.64 -20.88 -10.71
CA THR A 244 -24.69 -22.30 -10.37
C THR A 244 -24.06 -22.57 -9.01
N ILE A 245 -22.92 -21.95 -8.76
CA ILE A 245 -22.21 -22.00 -7.50
C ILE A 245 -23.07 -21.40 -6.38
N MET A 246 -23.67 -20.24 -6.64
CA MET A 246 -24.55 -19.57 -5.68
C MET A 246 -25.74 -20.44 -5.26
N THR A 247 -26.36 -21.14 -6.22
CA THR A 247 -27.54 -21.97 -5.92
C THR A 247 -27.16 -23.19 -5.08
N LYS A 248 -25.96 -23.71 -5.30
CA LYS A 248 -25.42 -24.75 -4.41
C LYS A 248 -25.25 -24.18 -2.98
N TYR A 249 -24.59 -23.03 -2.87
CA TYR A 249 -24.22 -22.43 -1.59
C TYR A 249 -25.41 -22.13 -0.66
N ILE A 250 -26.46 -21.55 -1.24
CA ILE A 250 -27.63 -21.09 -0.51
C ILE A 250 -28.63 -22.21 -0.24
N SER A 251 -28.27 -23.45 -0.57
CA SER A 251 -29.11 -24.62 -0.30
C SER A 251 -28.66 -25.38 0.95
N LYS A 252 -27.51 -25.01 1.50
CA LYS A 252 -26.92 -25.73 2.64
C LYS A 252 -27.33 -25.07 3.96
N PRO A 253 -27.97 -25.83 4.87
CA PRO A 253 -28.38 -25.32 6.19
C PRO A 253 -27.27 -24.61 6.99
N GLU A 254 -26.07 -25.21 7.02
CA GLU A 254 -24.95 -24.69 7.80
C GLU A 254 -24.42 -23.33 7.34
N ASN A 255 -24.64 -22.99 6.07
CA ASN A 255 -24.26 -21.68 5.54
C ASN A 255 -25.24 -20.58 5.97
N LEU A 256 -26.54 -20.92 5.98
CA LEU A 256 -27.59 -20.03 6.50
C LEU A 256 -27.38 -19.78 7.99
N LYS A 257 -27.08 -20.84 8.75
CA LYS A 257 -26.77 -20.75 10.16
C LYS A 257 -25.71 -19.67 10.40
N LEU A 258 -24.57 -19.83 9.74
CA LEU A 258 -23.43 -18.90 9.84
C LEU A 258 -23.80 -17.44 9.50
N MET A 259 -24.50 -17.21 8.38
CA MET A 259 -24.93 -15.87 7.96
C MET A 259 -25.88 -15.24 8.99
N MET A 260 -26.82 -16.04 9.49
CA MET A 260 -27.74 -15.61 10.52
C MET A 260 -27.01 -15.16 11.80
N ASN A 261 -26.02 -15.95 12.21
CA ASN A 261 -25.14 -15.63 13.33
C ASN A 261 -24.31 -14.35 13.10
N LEU A 262 -23.72 -14.23 11.92
CA LEU A 262 -22.95 -13.04 11.57
C LEU A 262 -23.83 -11.78 11.53
N LEU A 263 -25.14 -11.94 11.38
CA LEU A 263 -26.09 -10.82 11.52
C LEU A 263 -26.17 -10.27 12.95
N ARG A 264 -25.71 -11.06 13.92
CA ARG A 264 -25.71 -10.67 15.33
C ARG A 264 -24.30 -10.38 15.88
N ASP A 265 -23.32 -10.29 14.99
CA ASP A 265 -21.95 -9.92 15.33
C ASP A 265 -21.90 -8.55 16.00
N LYS A 266 -20.86 -8.26 16.78
CA LYS A 266 -20.73 -6.92 17.37
C LYS A 266 -20.40 -5.83 16.34
N SER A 267 -19.72 -6.19 15.27
CA SER A 267 -19.39 -5.22 14.24
C SER A 267 -20.58 -4.86 13.34
N ARG A 268 -20.92 -3.58 13.32
CA ARG A 268 -21.96 -3.05 12.42
C ARG A 268 -21.62 -3.35 10.94
N ASN A 269 -20.37 -3.15 10.55
CA ASN A 269 -19.89 -3.49 9.21
C ASN A 269 -20.08 -4.96 8.85
N ILE A 270 -19.62 -5.86 9.72
CA ILE A 270 -19.82 -7.31 9.56
C ILE A 270 -21.28 -7.72 9.40
N GLN A 271 -22.17 -7.24 10.27
CA GLN A 271 -23.59 -7.61 10.16
C GLN A 271 -24.26 -7.11 8.88
N PHE A 272 -23.79 -5.99 8.35
CA PHE A 272 -24.26 -5.43 7.07
C PHE A 272 -23.80 -6.27 5.87
N GLU A 273 -22.55 -6.71 5.88
CA GLU A 273 -22.05 -7.61 4.85
C GLU A 273 -22.62 -9.03 4.92
N ALA A 274 -22.97 -9.47 6.14
CA ALA A 274 -23.77 -10.68 6.35
C ALA A 274 -25.16 -10.56 5.71
N PHE A 275 -25.81 -9.40 5.87
CA PHE A 275 -27.11 -9.11 5.24
C PHE A 275 -27.08 -9.36 3.73
N HIS A 276 -26.03 -8.87 3.06
CA HIS A 276 -25.80 -9.00 1.61
C HIS A 276 -25.83 -10.46 1.15
N VAL A 277 -25.39 -11.37 2.00
CA VAL A 277 -25.42 -12.79 1.65
C VAL A 277 -26.74 -13.45 2.09
N PHE A 278 -27.16 -13.13 3.32
CA PHE A 278 -28.41 -13.62 3.88
C PHE A 278 -29.60 -13.36 2.97
N LYS A 279 -29.69 -12.15 2.42
CA LYS A 279 -30.81 -11.76 1.57
C LYS A 279 -31.02 -12.75 0.42
N VAL A 280 -29.95 -13.41 -0.01
CA VAL A 280 -30.03 -14.29 -1.20
C VAL A 280 -30.69 -15.65 -0.87
N PHE A 281 -30.39 -16.17 0.32
CA PHE A 281 -31.02 -17.38 0.84
C PHE A 281 -32.54 -17.26 0.89
N VAL A 282 -33.03 -16.07 1.20
CA VAL A 282 -34.46 -15.82 1.42
C VAL A 282 -35.19 -15.41 0.14
N ALA A 283 -34.52 -14.66 -0.73
CA ALA A 283 -35.07 -14.26 -2.04
C ALA A 283 -35.28 -15.45 -2.95
N ASN A 284 -34.53 -16.53 -2.66
CA ASN A 284 -34.60 -17.78 -3.42
C ASN A 284 -36.01 -18.41 -3.40
N PRO A 285 -36.64 -18.56 -4.60
CA PRO A 285 -37.97 -19.16 -4.70
C PRO A 285 -37.97 -20.69 -4.56
N ASN A 286 -36.82 -21.32 -4.74
CA ASN A 286 -36.71 -22.78 -4.69
C ASN A 286 -35.93 -23.27 -3.46
N LYS A 287 -36.37 -22.84 -2.27
CA LYS A 287 -35.71 -23.20 -1.02
C LYS A 287 -35.88 -24.68 -0.65
N THR A 288 -34.77 -25.33 -0.33
CA THR A 288 -34.78 -26.73 0.10
C THR A 288 -35.41 -26.86 1.48
N GLN A 289 -35.78 -28.09 1.85
CA GLN A 289 -36.45 -28.33 3.12
C GLN A 289 -35.66 -27.88 4.37
N PRO A 290 -34.36 -28.27 4.48
CA PRO A 290 -33.59 -27.83 5.65
C PRO A 290 -33.48 -26.31 5.77
N ILE A 291 -33.52 -25.61 4.63
CA ILE A 291 -33.47 -24.16 4.59
C ILE A 291 -34.81 -23.59 5.05
N LEU A 292 -35.86 -24.13 4.46
CA LEU A 292 -37.23 -23.75 4.75
C LEU A 292 -37.54 -23.97 6.24
N ASP A 293 -37.05 -25.08 6.78
CA ASP A 293 -37.16 -25.41 8.21
C ASP A 293 -36.54 -24.37 9.16
N ILE A 294 -35.37 -23.84 8.80
CA ILE A 294 -34.68 -22.82 9.61
C ILE A 294 -35.42 -21.47 9.60
N LEU A 295 -35.98 -21.11 8.45
CA LEU A 295 -36.70 -19.86 8.34
C LEU A 295 -38.05 -19.89 9.07
N LEU A 296 -38.78 -20.98 8.95
CA LEU A 296 -40.04 -21.15 9.70
C LEU A 296 -39.83 -21.25 11.22
N LYS A 297 -38.73 -21.87 11.63
CA LYS A 297 -38.37 -22.01 13.06
C LYS A 297 -38.16 -20.64 13.74
N ASN A 298 -37.56 -19.71 13.00
CA ASN A 298 -37.24 -18.36 13.48
C ASN A 298 -38.10 -17.25 12.85
N GLN A 299 -39.27 -17.63 12.34
CA GLN A 299 -40.16 -16.75 11.56
C GLN A 299 -40.44 -15.44 12.28
N ALA A 300 -40.99 -15.54 13.50
CA ALA A 300 -41.30 -14.37 14.32
C ALA A 300 -40.06 -13.55 14.71
N LYS A 301 -38.95 -14.24 15.03
CA LYS A 301 -37.71 -13.58 15.43
C LYS A 301 -37.10 -12.78 14.28
N LEU A 302 -37.11 -13.36 13.09
CA LEU A 302 -36.55 -12.71 11.90
C LEU A 302 -37.32 -11.46 11.51
N ILE A 303 -38.65 -11.56 11.49
CA ILE A 303 -39.51 -10.40 11.22
C ILE A 303 -39.21 -9.24 12.18
N GLU A 304 -39.10 -9.57 13.48
CA GLU A 304 -38.78 -8.57 14.49
C GLU A 304 -37.38 -7.97 14.31
N PHE A 305 -36.39 -8.85 14.11
CA PHE A 305 -34.99 -8.47 13.90
C PHE A 305 -34.84 -7.53 12.71
N LEU A 306 -35.44 -7.89 11.58
CA LEU A 306 -35.35 -7.13 10.33
C LEU A 306 -36.03 -5.76 10.37
N SER A 307 -37.10 -5.63 11.16
CA SER A 307 -37.76 -4.35 11.39
C SER A 307 -36.91 -3.31 12.11
N LYS A 308 -35.97 -3.78 12.93
CA LYS A 308 -35.14 -2.89 13.72
C LYS A 308 -33.67 -2.96 13.31
N PHE A 309 -33.43 -3.47 12.11
CA PHE A 309 -32.06 -3.73 11.67
C PHE A 309 -31.44 -2.51 10.96
N GLN A 310 -30.46 -1.90 11.65
CA GLN A 310 -29.76 -0.69 11.21
C GLN A 310 -30.70 0.34 10.60
N ASN A 311 -31.73 0.71 11.38
CA ASN A 311 -32.71 1.74 11.02
C ASN A 311 -32.11 3.12 10.83
N ASP A 312 -30.94 3.35 11.41
CA ASP A 312 -30.21 4.61 11.28
C ASP A 312 -29.48 4.71 9.92
N ARG A 313 -29.44 3.60 9.18
CA ARG A 313 -28.94 3.59 7.81
C ARG A 313 -30.05 4.14 6.89
N THR A 314 -29.98 5.43 6.64
CA THR A 314 -31.18 6.18 6.33
C THR A 314 -31.49 6.39 4.85
N GLU A 315 -30.47 6.68 4.03
CA GLU A 315 -30.74 6.91 2.60
C GLU A 315 -30.13 5.88 1.64
N ASP A 316 -29.95 4.66 2.14
CA ASP A 316 -29.69 3.51 1.28
C ASP A 316 -31.07 2.93 0.91
N GLU A 317 -31.59 3.33 -0.23
CA GLU A 317 -32.93 2.93 -0.68
C GLU A 317 -33.06 1.44 -1.06
N GLN A 318 -31.96 0.85 -1.53
CA GLN A 318 -31.86 -0.58 -1.81
C GLN A 318 -31.99 -1.44 -0.55
N PHE A 319 -31.17 -1.14 0.46
CA PHE A 319 -31.22 -1.76 1.80
C PHE A 319 -32.61 -1.73 2.45
N ASN A 320 -33.29 -0.58 2.35
CA ASN A 320 -34.61 -0.39 2.94
C ASN A 320 -35.64 -1.30 2.26
N ASP A 321 -35.66 -1.25 0.93
CA ASP A 321 -36.58 -2.04 0.13
C ASP A 321 -36.29 -3.54 0.27
N GLU A 322 -35.00 -3.89 0.34
CA GLU A 322 -34.60 -5.29 0.57
C GLU A 322 -35.12 -5.81 1.89
N LYS A 323 -34.96 -5.04 2.97
CA LYS A 323 -35.50 -5.42 4.28
C LYS A 323 -37.01 -5.60 4.28
N THR A 324 -37.73 -4.72 3.59
CA THR A 324 -39.20 -4.80 3.42
C THR A 324 -39.57 -6.11 2.75
N TYR A 325 -38.83 -6.43 1.68
CA TYR A 325 -39.04 -7.64 0.86
C TYR A 325 -38.83 -8.94 1.63
N LEU A 326 -37.72 -8.99 2.38
CA LEU A 326 -37.38 -10.15 3.20
C LEU A 326 -38.44 -10.39 4.27
N VAL A 327 -38.93 -9.32 4.90
CA VAL A 327 -39.97 -9.45 5.92
C VAL A 327 -41.24 -10.05 5.29
N LYS A 328 -41.69 -9.49 4.15
CA LYS A 328 -42.83 -10.05 3.43
C LYS A 328 -42.61 -11.52 3.10
N GLN A 329 -41.45 -11.84 2.53
CA GLN A 329 -41.13 -13.21 2.12
C GLN A 329 -41.27 -14.20 3.26
N ILE A 330 -40.67 -13.87 4.41
CA ILE A 330 -40.64 -14.72 5.59
C ILE A 330 -42.02 -14.83 6.25
N ARG A 331 -42.79 -13.75 6.18
CA ARG A 331 -44.16 -13.69 6.66
C ARG A 331 -45.05 -14.59 5.79
N ASP A 332 -44.77 -14.60 4.48
CA ASP A 332 -45.49 -15.41 3.50
C ASP A 332 -45.15 -16.91 3.55
N LEU A 333 -44.24 -17.30 4.43
CA LEU A 333 -43.89 -18.72 4.56
C LEU A 333 -45.00 -19.48 5.25
N LYS A 334 -45.49 -20.51 4.56
CA LYS A 334 -46.55 -21.36 5.11
C LYS A 334 -46.01 -22.74 5.44
N ARG A 335 -46.50 -23.30 6.55
CA ARG A 335 -46.10 -24.64 6.96
C ARG A 335 -47.09 -25.66 6.38
N PRO A 336 -46.59 -26.64 5.59
CA PRO A 336 -47.50 -27.59 4.94
C PRO A 336 -47.90 -28.73 5.86
N ALA B 2 18.65 -21.37 -8.95
CA ALA B 2 19.39 -22.39 -8.13
C ALA B 2 20.57 -21.75 -7.37
N HIS B 3 20.36 -21.50 -6.08
CA HIS B 3 21.38 -20.82 -5.27
C HIS B 3 21.77 -21.65 -4.04
N HIS B 4 22.83 -21.19 -3.37
CA HIS B 4 23.32 -21.87 -2.19
C HIS B 4 23.15 -21.02 -0.92
N HIS B 5 22.11 -20.21 -0.88
CA HIS B 5 21.81 -19.38 0.29
C HIS B 5 20.47 -19.70 0.98
N HIS B 6 20.18 -20.99 1.18
CA HIS B 6 18.98 -21.45 1.92
C HIS B 6 19.20 -21.51 3.45
N HIS B 7 20.46 -21.30 3.86
CA HIS B 7 20.83 -21.10 5.26
C HIS B 7 20.55 -19.64 5.69
N HIS B 8 19.71 -18.93 4.93
CA HIS B 8 19.48 -17.50 5.13
C HIS B 8 18.81 -17.13 6.45
N MET B 9 17.82 -17.93 6.86
CA MET B 9 17.14 -17.74 8.15
C MET B 9 18.18 -17.52 9.23
N GLU B 10 19.19 -18.39 9.22
CA GLU B 10 20.28 -18.38 10.16
C GLU B 10 21.36 -17.37 9.76
N ASN B 11 21.50 -17.16 8.45
CA ASN B 11 22.48 -16.23 7.87
C ASN B 11 22.39 -14.84 8.48
N LEU B 12 21.16 -14.43 8.81
CA LEU B 12 20.91 -13.32 9.71
C LEU B 12 19.56 -13.39 10.37
N TYR B 13 19.55 -12.90 11.60
CA TYR B 13 18.47 -13.01 12.58
C TYR B 13 19.27 -12.90 13.87
N PHE B 14 20.59 -12.89 13.68
CA PHE B 14 21.56 -12.37 14.62
C PHE B 14 21.78 -10.89 14.30
N GLN B 15 20.88 -10.04 14.79
CA GLN B 15 20.85 -8.64 14.37
C GLN B 15 21.10 -7.68 15.54
N SER B 18 16.20 -4.49 12.58
CA SER B 18 15.27 -5.49 12.08
C SER B 18 13.80 -5.10 12.28
N SER B 19 12.91 -6.09 12.07
CA SER B 19 11.48 -5.92 12.26
C SER B 19 11.15 -5.83 13.75
N PHE B 20 9.99 -5.24 14.04
CA PHE B 20 9.40 -5.39 15.36
C PHE B 20 8.37 -6.50 15.28
N LEU B 21 8.17 -7.22 16.37
CA LEU B 21 7.15 -8.25 16.45
C LEU B 21 5.77 -7.63 16.16
N PRO B 22 5.03 -8.22 15.21
CA PRO B 22 3.77 -7.62 14.76
C PRO B 22 2.60 -8.09 15.62
N GLU B 23 2.67 -7.76 16.92
CA GLU B 23 1.73 -8.25 17.93
C GLU B 23 1.48 -7.17 18.97
N GLY B 24 0.20 -6.86 19.20
CA GLY B 24 -0.19 -5.82 20.14
C GLY B 24 0.47 -5.90 21.50
N GLY B 25 0.51 -7.09 22.08
CA GLY B 25 1.08 -7.33 23.43
C GLY B 25 2.51 -6.88 23.65
N CYS B 26 3.28 -6.73 22.57
CA CYS B 26 4.68 -6.31 22.64
C CYS B 26 4.86 -4.84 22.99
N TYR B 27 3.76 -4.08 22.92
CA TYR B 27 3.79 -2.63 23.13
C TYR B 27 3.02 -2.27 24.39
N GLU B 28 3.66 -1.46 25.23
CA GLU B 28 3.01 -0.80 26.36
C GLU B 28 2.77 0.66 25.98
N LEU B 29 1.50 1.01 25.76
CA LEU B 29 1.09 2.37 25.42
C LEU B 29 1.31 3.37 26.57
N LEU B 30 2.07 4.42 26.31
CA LEU B 30 2.18 5.57 27.23
C LEU B 30 1.34 6.73 26.68
N THR B 31 1.89 7.94 26.70
CA THR B 31 1.15 9.15 26.33
C THR B 31 0.68 9.18 24.89
N VAL B 32 -0.43 9.89 24.68
CA VAL B 32 -0.82 10.36 23.37
C VAL B 32 0.18 11.45 23.01
N ILE B 33 0.82 11.32 21.85
CA ILE B 33 1.75 12.34 21.38
C ILE B 33 1.16 13.14 20.20
N GLY B 34 0.06 12.63 19.66
CA GLY B 34 -0.55 13.24 18.47
C GLY B 34 -1.89 12.66 18.08
N LYS B 35 -2.49 13.27 17.08
CA LYS B 35 -3.82 12.91 16.57
C LYS B 35 -3.86 13.21 15.06
N GLY B 36 -4.54 12.36 14.31
CA GLY B 36 -4.80 12.66 12.90
C GLY B 36 -5.87 11.81 12.24
N PHE B 37 -5.69 11.60 10.93
CA PHE B 37 -6.67 10.98 10.03
C PHE B 37 -8.12 11.34 10.37
N GLU B 38 -8.45 12.62 10.19
CA GLU B 38 -9.81 13.11 10.43
C GLU B 38 -10.29 12.79 11.86
N ASP B 39 -9.36 12.83 12.81
CA ASP B 39 -9.60 12.53 14.22
C ASP B 39 -9.81 11.06 14.57
N LEU B 40 -9.52 10.17 13.63
CA LEU B 40 -9.74 8.75 13.82
C LEU B 40 -8.48 8.01 14.25
N MET B 41 -7.33 8.67 14.09
CA MET B 41 -6.06 8.11 14.48
C MET B 41 -5.50 8.75 15.74
N THR B 42 -5.11 7.89 16.68
CA THR B 42 -4.39 8.27 17.87
C THR B 42 -2.94 7.88 17.67
N VAL B 43 -2.04 8.83 17.91
CA VAL B 43 -0.62 8.57 17.85
C VAL B 43 -0.08 8.48 19.28
N ASN B 44 0.40 7.29 19.63
CA ASN B 44 0.87 6.98 20.97
C ASN B 44 2.36 6.82 21.02
N LEU B 45 2.98 7.33 22.08
CA LEU B 45 4.33 6.90 22.47
C LEU B 45 4.19 5.54 23.15
N ALA B 46 5.12 4.63 22.86
CA ALA B 46 5.08 3.26 23.38
C ALA B 46 6.45 2.69 23.78
N ARG B 47 6.43 1.72 24.68
CA ARG B 47 7.60 0.93 25.04
C ARG B 47 7.53 -0.42 24.34
N TYR B 48 8.48 -0.70 23.45
CA TYR B 48 8.63 -2.03 22.85
C TYR B 48 9.16 -2.99 23.91
N LYS B 49 8.28 -3.84 24.44
CA LYS B 49 8.62 -4.68 25.61
C LYS B 49 9.90 -5.54 25.49
N PRO B 50 10.11 -6.22 24.33
CA PRO B 50 11.34 -7.02 24.19
C PRO B 50 12.68 -6.27 24.24
N THR B 51 12.69 -4.94 24.12
CA THR B 51 13.94 -4.18 24.23
C THR B 51 13.86 -2.97 25.15
N GLY B 52 12.64 -2.68 25.64
CA GLY B 52 12.39 -1.48 26.43
C GLY B 52 12.47 -0.16 25.64
N GLU B 53 12.87 -0.25 24.36
CA GLU B 53 13.07 0.91 23.48
C GLU B 53 11.76 1.67 23.18
N TYR B 54 11.87 3.00 23.02
CA TYR B 54 10.71 3.84 22.69
C TYR B 54 10.38 3.81 21.20
N VAL B 55 9.09 3.70 20.92
CA VAL B 55 8.58 3.68 19.56
C VAL B 55 7.28 4.47 19.50
N THR B 56 6.79 4.71 18.28
CA THR B 56 5.50 5.34 18.04
C THR B 56 4.51 4.30 17.53
N VAL B 57 3.34 4.22 18.17
CA VAL B 57 2.24 3.39 17.67
C VAL B 57 1.10 4.29 17.18
N ARG B 58 0.77 4.13 15.89
CA ARG B 58 -0.35 4.84 15.23
C ARG B 58 -1.57 3.93 15.19
N ARG B 59 -2.68 4.35 15.81
CA ARG B 59 -3.86 3.50 15.95
C ARG B 59 -5.12 4.09 15.33
N ILE B 60 -5.79 3.28 14.50
CA ILE B 60 -7.03 3.69 13.85
C ILE B 60 -8.09 2.59 13.98
N ASN B 61 -9.26 2.96 14.51
CA ASN B 61 -10.41 2.03 14.55
C ASN B 61 -11.00 1.83 13.16
N LEU B 62 -10.83 0.62 12.64
CA LEU B 62 -11.28 0.29 11.29
C LEU B 62 -12.80 0.19 11.18
N GLU B 63 -13.47 -0.01 12.32
CA GLU B 63 -14.93 0.01 12.37
C GLU B 63 -15.51 1.41 12.02
N ALA B 64 -14.77 2.46 12.34
CA ALA B 64 -15.18 3.81 11.99
C ALA B 64 -14.77 4.20 10.56
N CYS B 65 -14.14 3.28 9.84
CA CYS B 65 -13.71 3.49 8.46
C CYS B 65 -14.63 2.88 7.42
N SER B 66 -14.94 3.65 6.37
CA SER B 66 -15.59 3.08 5.19
C SER B 66 -14.65 2.12 4.44
N ASN B 67 -15.19 1.45 3.42
CA ASN B 67 -14.39 0.54 2.60
C ASN B 67 -13.26 1.31 1.91
N GLU B 68 -13.63 2.44 1.30
CA GLU B 68 -12.69 3.37 0.67
C GLU B 68 -11.57 3.85 1.62
N MET B 69 -11.93 4.13 2.88
CA MET B 69 -10.95 4.58 3.86
C MET B 69 -9.97 3.47 4.21
N VAL B 70 -10.43 2.22 4.22
CA VAL B 70 -9.57 1.06 4.48
C VAL B 70 -8.58 0.86 3.32
N THR B 71 -9.06 1.02 2.08
CA THR B 71 -8.27 0.93 0.84
C THR B 71 -7.17 2.00 0.81
N PHE B 72 -7.56 3.22 1.17
CA PHE B 72 -6.68 4.38 1.23
C PHE B 72 -5.56 4.13 2.23
N LEU B 73 -5.91 3.56 3.37
CA LEU B 73 -4.95 3.19 4.43
C LEU B 73 -3.99 2.06 4.07
N GLN B 74 -4.46 1.04 3.36
CA GLN B 74 -3.62 -0.09 2.91
C GLN B 74 -2.62 0.35 1.86
N GLY B 75 -2.99 1.35 1.06
CA GLY B 75 -2.10 1.99 0.10
C GLY B 75 -0.88 2.63 0.74
N GLU B 76 -1.08 3.30 1.89
CA GLU B 76 0.02 3.88 2.68
C GLU B 76 1.06 2.84 3.09
N LEU B 77 0.58 1.65 3.44
CA LEU B 77 1.44 0.59 3.93
C LEU B 77 2.27 0.01 2.79
N HIS B 78 1.66 -0.05 1.61
CA HIS B 78 2.32 -0.50 0.41
C HIS B 78 3.45 0.46 0.04
N VAL B 79 3.13 1.76 -0.01
CA VAL B 79 4.09 2.78 -0.47
C VAL B 79 5.27 2.94 0.49
N SER B 80 5.01 2.78 1.78
CA SER B 80 6.03 2.99 2.83
C SER B 80 7.04 1.86 2.88
N LYS B 81 6.64 0.68 2.46
CA LYS B 81 7.57 -0.46 2.35
C LYS B 81 8.42 -0.41 1.06
N LEU B 82 7.97 0.36 0.07
CA LEU B 82 8.75 0.62 -1.15
C LEU B 82 9.87 1.64 -0.95
N PHE B 83 9.73 2.50 0.06
CA PHE B 83 10.69 3.60 0.29
C PHE B 83 11.73 3.25 1.34
N ASN B 84 12.98 3.53 1.04
CA ASN B 84 14.05 3.41 2.01
C ASN B 84 15.01 4.56 1.79
N HIS B 85 14.99 5.54 2.68
CA HIS B 85 15.78 6.76 2.53
C HIS B 85 16.10 7.40 3.90
N PRO B 86 17.31 7.96 4.06
CA PRO B 86 17.72 8.55 5.34
C PRO B 86 16.78 9.64 5.90
N ASN B 87 16.05 10.32 5.01
CA ASN B 87 15.08 11.38 5.36
C ASN B 87 13.61 10.99 5.21
N ILE B 88 13.32 9.71 5.05
CA ILE B 88 11.93 9.28 5.07
C ILE B 88 11.75 8.38 6.27
N VAL B 89 10.72 8.66 7.07
CA VAL B 89 10.44 7.91 8.31
C VAL B 89 10.22 6.42 8.07
N PRO B 90 11.02 5.57 8.74
CA PRO B 90 10.85 4.13 8.57
C PRO B 90 9.62 3.57 9.28
N TYR B 91 8.95 2.61 8.66
CA TYR B 91 7.87 1.86 9.29
C TYR B 91 8.43 0.52 9.77
N ARG B 92 8.01 0.10 10.95
CA ARG B 92 8.65 -1.04 11.60
C ARG B 92 7.78 -2.28 11.75
N ALA B 93 6.48 -2.08 11.76
CA ALA B 93 5.49 -3.12 11.95
C ALA B 93 4.11 -2.60 11.60
N THR B 94 3.28 -3.49 11.10
CA THR B 94 1.91 -3.16 10.82
C THR B 94 1.09 -4.42 11.06
N PHE B 95 0.05 -4.29 11.88
CA PHE B 95 -0.78 -5.42 12.26
C PHE B 95 -2.14 -4.97 12.77
N ILE B 96 -3.09 -5.92 12.79
CA ILE B 96 -4.40 -5.71 13.36
C ILE B 96 -4.40 -6.12 14.86
N ALA B 97 -4.79 -5.20 15.74
CA ALA B 97 -5.01 -5.47 17.17
C ALA B 97 -6.50 -5.26 17.35
N ASP B 98 -7.22 -6.36 17.53
CA ASP B 98 -8.45 -6.48 16.75
C ASP B 98 -9.44 -5.35 16.74
N ASN B 99 -9.90 -5.08 15.51
CA ASN B 99 -10.74 -3.92 15.18
C ASN B 99 -9.94 -2.63 14.87
N GLU B 100 -8.68 -2.59 15.34
CA GLU B 100 -7.77 -1.48 15.04
C GLU B 100 -6.57 -1.87 14.15
N LEU B 101 -6.26 -0.99 13.19
CA LEU B 101 -4.99 -1.04 12.48
C LEU B 101 -3.91 -0.40 13.35
N TRP B 102 -2.85 -1.16 13.65
CA TRP B 102 -1.69 -0.60 14.37
C TRP B 102 -0.52 -0.49 13.44
N VAL B 103 0.08 0.69 13.42
CA VAL B 103 1.25 0.95 12.60
C VAL B 103 2.30 1.54 13.50
N VAL B 104 3.44 0.86 13.52
CA VAL B 104 4.53 1.20 14.43
C VAL B 104 5.65 1.81 13.60
N THR B 105 6.09 2.99 14.03
CA THR B 105 7.25 3.65 13.43
C THR B 105 8.24 4.02 14.54
N SER B 106 9.47 4.37 14.18
CA SER B 106 10.43 4.87 15.16
C SER B 106 9.99 6.21 15.75
N PHE B 107 10.31 6.43 17.02
CA PHE B 107 9.88 7.62 17.75
C PHE B 107 10.88 8.76 17.55
N MET B 108 10.38 9.91 17.10
CA MET B 108 11.22 11.09 16.88
C MET B 108 11.02 12.06 18.04
N ALA B 109 12.05 12.13 18.88
CA ALA B 109 11.98 12.75 20.23
C ALA B 109 11.78 14.27 20.28
N TYR B 110 12.03 14.98 19.18
CA TYR B 110 11.68 16.39 19.11
C TYR B 110 10.34 16.62 18.44
N GLY B 111 9.62 15.54 18.16
CA GLY B 111 8.32 15.63 17.50
C GLY B 111 8.43 16.26 16.13
N SER B 112 7.34 16.89 15.69
CA SER B 112 7.31 17.58 14.39
C SER B 112 7.74 19.07 14.48
N ALA B 113 8.11 19.65 13.35
CA ALA B 113 8.39 21.08 13.23
C ALA B 113 7.23 21.96 13.74
N LYS B 114 5.99 21.51 13.55
CA LYS B 114 4.81 22.19 14.09
C LYS B 114 4.75 22.08 15.62
N ASP B 115 5.01 20.89 16.17
CA ASP B 115 5.14 20.72 17.63
C ASP B 115 6.12 21.70 18.24
N LEU B 116 7.27 21.85 17.58
CA LEU B 116 8.35 22.73 18.03
C LEU B 116 7.91 24.20 18.01
N ILE B 117 7.25 24.59 16.93
CA ILE B 117 6.64 25.91 16.82
C ILE B 117 5.68 26.18 17.99
N CYS B 118 4.79 25.23 18.26
CA CYS B 118 3.79 25.37 19.30
C CYS B 118 4.34 25.38 20.73
N THR B 119 5.43 24.65 20.97
CA THR B 119 5.94 24.54 22.33
C THR B 119 6.85 25.72 22.71
N HIS B 120 7.41 26.37 21.70
CA HIS B 120 8.41 27.39 21.93
C HIS B 120 8.57 28.42 20.80
N PHE B 121 8.80 27.95 19.58
CA PHE B 121 9.11 28.82 18.44
C PHE B 121 7.84 29.34 17.80
N MET B 122 6.92 29.84 18.63
CA MET B 122 5.57 30.28 18.22
C MET B 122 5.58 31.39 17.16
N ASP B 123 6.66 32.17 17.18
CA ASP B 123 6.87 33.29 16.29
C ASP B 123 7.67 32.87 15.06
N GLY B 124 7.92 31.56 14.91
CA GLY B 124 8.73 31.05 13.81
C GLY B 124 10.15 30.68 14.21
N MET B 125 10.79 29.84 13.40
CA MET B 125 12.13 29.34 13.71
C MET B 125 13.21 30.22 13.12
N ASN B 126 14.42 30.14 13.67
CA ASN B 126 15.58 30.82 13.09
C ASN B 126 15.89 30.28 11.69
N GLU B 127 16.52 31.11 10.85
CA GLU B 127 16.69 30.78 9.45
C GLU B 127 17.62 29.60 9.17
N LEU B 128 18.70 29.48 9.95
CA LEU B 128 19.66 28.38 9.80
C LEU B 128 18.96 27.04 10.03
N ALA B 129 18.10 26.99 11.05
CA ALA B 129 17.29 25.81 11.36
C ALA B 129 16.43 25.39 10.18
N ILE B 130 15.78 26.38 9.55
CA ILE B 130 14.90 26.16 8.38
C ILE B 130 15.67 25.58 7.19
N ALA B 131 16.90 26.02 6.99
CA ALA B 131 17.75 25.49 5.94
C ALA B 131 18.09 24.00 6.17
N TYR B 132 18.47 23.64 7.40
CA TYR B 132 18.72 22.24 7.74
C TYR B 132 17.47 21.38 7.58
N ILE B 133 16.34 21.90 8.05
CA ILE B 133 15.07 21.19 7.99
C ILE B 133 14.62 20.98 6.54
N LEU B 134 14.62 22.06 5.73
CA LEU B 134 14.13 22.00 4.35
C LEU B 134 15.05 21.26 3.37
N GLN B 135 16.34 21.17 3.70
CA GLN B 135 17.28 20.35 2.95
C GLN B 135 16.93 18.85 3.05
N GLY B 136 16.63 18.39 4.27
CA GLY B 136 16.21 17.00 4.51
C GLY B 136 14.92 16.64 3.79
N VAL B 137 13.95 17.56 3.84
CA VAL B 137 12.68 17.42 3.14
C VAL B 137 12.93 17.32 1.63
N LEU B 138 13.86 18.12 1.14
CA LEU B 138 14.16 18.12 -0.29
C LEU B 138 14.87 16.86 -0.78
N LYS B 139 15.81 16.34 0.00
CA LYS B 139 16.46 15.06 -0.31
C LYS B 139 15.41 13.93 -0.42
N ALA B 140 14.46 13.92 0.52
CA ALA B 140 13.37 12.96 0.56
C ALA B 140 12.46 13.07 -0.66
N LEU B 141 12.06 14.30 -0.99
CA LEU B 141 11.23 14.59 -2.15
C LEU B 141 11.89 14.22 -3.50
N ASP B 142 13.21 14.39 -3.57
CA ASP B 142 13.99 14.03 -4.75
C ASP B 142 13.83 12.52 -4.98
N TYR B 143 14.04 11.74 -3.92
CA TYR B 143 13.89 10.27 -3.94
C TYR B 143 12.44 9.87 -4.30
N ILE B 144 11.47 10.38 -3.55
CA ILE B 144 10.06 10.16 -3.86
C ILE B 144 9.68 10.53 -5.32
N HIS B 145 10.20 11.64 -5.84
CA HIS B 145 9.93 12.04 -7.23
C HIS B 145 10.61 11.14 -8.26
N HIS B 146 11.84 10.70 -8.00
CA HIS B 146 12.53 9.76 -8.88
C HIS B 146 11.81 8.41 -8.96
N MET B 147 11.10 8.05 -7.90
CA MET B 147 10.29 6.82 -7.81
C MET B 147 8.96 6.93 -8.52
N GLY B 148 8.68 8.09 -9.10
CA GLY B 148 7.45 8.31 -9.84
C GLY B 148 6.25 8.57 -8.94
N TYR B 149 6.50 9.20 -7.80
CA TYR B 149 5.43 9.59 -6.88
C TYR B 149 5.37 11.10 -6.61
N VAL B 150 4.19 11.56 -6.22
CA VAL B 150 4.00 12.88 -5.66
C VAL B 150 3.62 12.69 -4.17
N HIS B 151 4.15 13.54 -3.29
CA HIS B 151 3.88 13.45 -1.87
C HIS B 151 2.45 13.90 -1.57
N ARG B 152 2.19 15.18 -1.85
CA ARG B 152 0.85 15.80 -1.72
C ARG B 152 0.48 16.29 -0.32
N SER B 153 1.40 16.19 0.66
CA SER B 153 1.12 16.76 2.00
C SER B 153 2.33 17.27 2.79
N VAL B 154 3.27 17.88 2.08
CA VAL B 154 4.40 18.54 2.71
C VAL B 154 3.94 19.76 3.51
N LYS B 155 4.14 19.69 4.83
CA LYS B 155 3.78 20.71 5.81
C LYS B 155 4.62 20.45 7.07
N ALA B 156 4.65 21.41 7.98
CA ALA B 156 5.49 21.35 9.17
C ALA B 156 5.19 20.14 10.07
N SER B 157 3.91 19.76 10.15
CA SER B 157 3.49 18.63 10.97
C SER B 157 3.83 17.28 10.35
N HIS B 158 4.30 17.31 9.09
CA HIS B 158 4.80 16.11 8.41
C HIS B 158 6.32 16.11 8.27
N ILE B 159 6.98 16.83 9.18
CA ILE B 159 8.44 16.85 9.28
C ILE B 159 8.81 16.53 10.72
N LEU B 160 9.55 15.45 10.93
CA LEU B 160 9.86 14.95 12.27
C LEU B 160 11.36 15.03 12.53
N ILE B 161 11.73 15.33 13.77
CA ILE B 161 13.13 15.51 14.12
C ILE B 161 13.49 14.61 15.30
N SER B 162 14.51 13.78 15.11
CA SER B 162 14.90 12.76 16.08
C SER B 162 15.83 13.31 17.17
N VAL B 163 16.09 12.48 18.19
CA VAL B 163 16.95 12.83 19.33
C VAL B 163 18.30 13.42 18.95
N ASP B 164 18.85 12.95 17.82
CA ASP B 164 20.17 13.40 17.36
C ASP B 164 20.09 14.33 16.15
N GLY B 165 18.94 14.95 15.92
CA GLY B 165 18.82 16.01 14.93
C GLY B 165 18.68 15.61 13.48
N LYS B 166 18.24 14.38 13.23
CA LYS B 166 17.97 13.91 11.87
C LYS B 166 16.57 14.34 11.48
N VAL B 167 16.40 14.78 10.24
CA VAL B 167 15.08 15.16 9.76
C VAL B 167 14.46 14.12 8.82
N TYR B 168 13.18 13.83 9.07
CA TYR B 168 12.39 12.86 8.32
C TYR B 168 11.12 13.49 7.79
N LEU B 169 10.84 13.25 6.51
CA LEU B 169 9.52 13.52 5.95
C LEU B 169 8.56 12.36 6.32
N SER B 170 7.40 12.71 6.86
CA SER B 170 6.33 11.74 7.11
C SER B 170 5.18 11.99 6.14
N GLY B 171 3.97 11.57 6.51
CA GLY B 171 2.77 11.91 5.73
C GLY B 171 2.60 11.16 4.43
N LEU B 172 3.11 9.93 4.41
CA LEU B 172 3.08 9.07 3.23
C LEU B 172 1.70 8.59 2.80
N ARG B 173 0.71 8.72 3.68
CA ARG B 173 -0.70 8.37 3.37
C ARG B 173 -1.27 9.08 2.13
N SER B 174 -0.84 10.32 1.92
CA SER B 174 -1.28 11.13 0.77
C SER B 174 -0.50 10.91 -0.53
N ASN B 175 0.54 10.07 -0.50
CA ASN B 175 1.39 9.83 -1.68
C ASN B 175 0.65 9.17 -2.84
N LEU B 176 0.91 9.68 -4.05
CA LEU B 176 0.16 9.29 -5.25
C LEU B 176 1.10 8.97 -6.40
N SER B 177 0.94 7.78 -6.97
CA SER B 177 1.72 7.35 -8.12
C SER B 177 1.20 8.00 -9.41
N MET B 178 2.12 8.46 -10.26
CA MET B 178 1.75 8.88 -11.61
C MET B 178 1.98 7.79 -12.66
N ILE B 179 2.31 6.59 -12.20
CA ILE B 179 2.58 5.45 -13.07
C ILE B 179 1.28 4.70 -13.43
N SER B 180 0.73 5.02 -14.61
CA SER B 180 -0.47 4.37 -15.12
C SER B 180 -0.12 3.44 -16.29
N HIS B 181 -0.68 2.23 -16.27
CA HIS B 181 -0.52 1.22 -17.33
C HIS B 181 0.95 0.83 -17.61
N GLY B 182 1.75 0.86 -16.55
CA GLY B 182 3.18 0.56 -16.62
C GLY B 182 4.10 1.71 -17.02
N GLN B 183 3.51 2.90 -17.24
CA GLN B 183 4.24 4.06 -17.76
C GLN B 183 3.98 5.31 -16.91
N ARG B 184 4.97 6.20 -16.83
CA ARG B 184 4.83 7.47 -16.13
C ARG B 184 3.87 8.37 -16.89
N GLN B 185 3.00 9.06 -16.15
CA GLN B 185 2.10 10.05 -16.77
C GLN B 185 2.58 11.47 -16.46
N ARG B 186 2.64 12.31 -17.49
CA ARG B 186 3.14 13.68 -17.38
C ARG B 186 2.39 14.49 -16.32
N VAL B 187 1.06 14.37 -16.34
CA VAL B 187 0.19 14.93 -15.29
C VAL B 187 -0.79 13.89 -14.74
N VAL B 188 -1.25 14.13 -13.51
CA VAL B 188 -2.25 13.30 -12.86
C VAL B 188 -3.42 14.21 -12.41
N HIS B 189 -4.58 13.62 -12.11
CA HIS B 189 -5.82 14.41 -11.88
C HIS B 189 -6.55 14.15 -10.56
N ASP B 190 -6.05 13.22 -9.75
CA ASP B 190 -6.71 12.81 -8.51
C ASP B 190 -6.74 13.91 -7.44
N PHE B 191 -7.93 14.28 -6.98
CA PHE B 191 -8.03 15.16 -5.81
C PHE B 191 -7.73 14.38 -4.53
N PRO B 192 -6.69 14.82 -3.77
CA PRO B 192 -6.25 14.14 -2.56
C PRO B 192 -7.42 13.90 -1.58
N LYS B 193 -7.77 12.62 -1.38
CA LYS B 193 -8.88 12.31 -0.48
C LYS B 193 -8.49 12.50 0.98
N TYR B 194 -9.47 12.94 1.78
CA TYR B 194 -9.32 13.17 3.22
C TYR B 194 -8.18 14.16 3.53
N SER B 195 -8.10 15.22 2.74
CA SER B 195 -7.06 16.24 2.91
C SER B 195 -7.61 17.65 3.22
N VAL B 196 -8.81 17.69 3.82
CA VAL B 196 -9.41 18.95 4.25
C VAL B 196 -8.65 19.40 5.48
N LYS B 197 -7.85 20.45 5.32
CA LYS B 197 -6.89 20.95 6.31
C LYS B 197 -5.52 21.12 5.68
N VAL B 198 -5.20 20.26 4.72
CA VAL B 198 -3.94 20.36 3.96
C VAL B 198 -4.07 21.38 2.84
N LEU B 199 -5.29 21.86 2.61
CA LEU B 199 -5.58 22.79 1.51
C LEU B 199 -4.60 23.98 1.39
N PRO B 200 -4.35 24.71 2.50
CA PRO B 200 -3.43 25.87 2.38
C PRO B 200 -2.02 25.59 1.83
N TRP B 201 -1.51 24.36 1.97
CA TRP B 201 -0.19 24.00 1.40
C TRP B 201 -0.29 23.52 -0.07
N LEU B 202 -1.50 23.41 -0.59
CA LEU B 202 -1.71 22.87 -1.94
C LEU B 202 -1.55 23.91 -3.05
N SER B 203 -0.85 23.52 -4.11
CA SER B 203 -0.65 24.38 -5.26
C SER B 203 -1.97 24.62 -6.00
N PRO B 204 -2.07 25.76 -6.72
CA PRO B 204 -3.28 26.09 -7.47
C PRO B 204 -3.73 24.99 -8.42
N GLU B 205 -2.79 24.34 -9.11
CA GLU B 205 -3.11 23.27 -10.07
C GLU B 205 -3.58 21.94 -9.45
N VAL B 206 -3.26 21.71 -8.17
CA VAL B 206 -3.86 20.58 -7.45
C VAL B 206 -5.29 20.94 -7.02
N LEU B 207 -5.46 22.19 -6.58
CA LEU B 207 -6.75 22.67 -6.09
C LEU B 207 -7.81 22.81 -7.19
N GLN B 208 -7.46 23.46 -8.30
CA GLN B 208 -8.43 23.63 -9.40
C GLN B 208 -8.66 22.31 -10.15
N GLN B 209 -9.51 21.49 -9.55
CA GLN B 209 -9.91 20.21 -10.10
C GLN B 209 -10.64 20.40 -11.40
N ASN B 210 -10.52 19.39 -12.27
CA ASN B 210 -11.11 19.38 -13.61
C ASN B 210 -10.35 20.24 -14.63
N LEU B 211 -9.32 20.93 -14.17
CA LEU B 211 -8.40 21.64 -15.07
C LEU B 211 -7.14 20.81 -15.40
N GLN B 212 -6.01 21.48 -15.58
CA GLN B 212 -4.83 20.90 -16.23
C GLN B 212 -4.15 19.70 -15.54
N GLY B 213 -4.32 19.60 -14.22
CA GLY B 213 -3.69 18.53 -13.45
C GLY B 213 -2.32 18.94 -12.92
N TYR B 214 -1.57 17.98 -12.36
CA TYR B 214 -0.33 18.30 -11.64
C TYR B 214 0.77 17.23 -11.74
N ASP B 215 1.97 17.60 -11.29
CA ASP B 215 3.13 16.71 -11.21
C ASP B 215 3.93 17.01 -9.93
N ALA B 216 5.17 16.52 -9.86
CA ALA B 216 6.02 16.65 -8.68
C ALA B 216 6.28 18.10 -8.29
N LYS B 217 6.21 19.01 -9.25
CA LYS B 217 6.50 20.42 -8.98
C LYS B 217 5.42 21.09 -8.13
N SER B 218 4.31 20.37 -7.91
CA SER B 218 3.28 20.80 -6.97
C SER B 218 3.79 20.67 -5.53
N ASP B 219 4.58 19.63 -5.26
CA ASP B 219 5.24 19.42 -3.97
C ASP B 219 6.23 20.54 -3.68
N ILE B 220 6.76 21.13 -4.73
CA ILE B 220 7.80 22.15 -4.61
C ILE B 220 7.18 23.44 -4.09
N TYR B 221 5.96 23.72 -4.57
CA TYR B 221 5.15 24.83 -4.09
C TYR B 221 4.81 24.65 -2.59
N SER B 222 4.56 23.40 -2.18
CA SER B 222 4.26 23.10 -0.78
C SER B 222 5.48 23.32 0.09
N VAL B 223 6.66 23.11 -0.46
CA VAL B 223 7.93 23.39 0.23
C VAL B 223 8.00 24.88 0.60
N GLY B 224 7.68 25.74 -0.38
CA GLY B 224 7.62 27.18 -0.16
C GLY B 224 6.61 27.61 0.89
N ILE B 225 5.40 27.03 0.84
CA ILE B 225 4.37 27.34 1.84
C ILE B 225 4.88 26.97 3.23
N THR B 226 5.49 25.78 3.30
CA THR B 226 6.13 25.29 4.51
C THR B 226 7.25 26.23 5.01
N ALA B 227 8.02 26.80 4.08
CA ALA B 227 9.05 27.79 4.40
C ALA B 227 8.47 29.02 5.08
N CYS B 228 7.31 29.46 4.59
CA CYS B 228 6.57 30.57 5.17
C CYS B 228 5.97 30.19 6.52
N GLU B 229 5.43 28.98 6.61
CA GLU B 229 4.94 28.42 7.87
C GLU B 229 6.08 28.34 8.90
N LEU B 230 7.27 27.92 8.48
CA LEU B 230 8.40 27.76 9.42
C LEU B 230 8.99 29.09 9.87
N ALA B 231 8.95 30.08 8.98
CA ALA B 231 9.46 31.42 9.27
C ALA B 231 8.52 32.19 10.19
N ASN B 232 7.23 32.11 9.91
CA ASN B 232 6.24 32.93 10.60
C ASN B 232 5.55 32.25 11.77
N GLY B 233 5.55 30.92 11.78
CA GLY B 233 4.86 30.16 12.81
C GLY B 233 3.38 29.97 12.52
N HIS B 234 2.90 30.55 11.42
CA HIS B 234 1.55 30.28 10.93
C HIS B 234 1.61 30.05 9.41
N VAL B 235 0.71 29.22 8.91
CA VAL B 235 0.62 28.94 7.47
C VAL B 235 -0.12 30.10 6.78
N PRO B 236 0.31 30.50 5.55
CA PRO B 236 -0.47 31.52 4.81
C PRO B 236 -1.87 31.01 4.49
N PHE B 237 -2.85 31.91 4.44
CA PHE B 237 -4.26 31.60 4.11
C PHE B 237 -4.99 30.77 5.17
N LYS B 238 -4.56 30.88 6.43
CA LYS B 238 -5.20 30.18 7.54
C LYS B 238 -6.56 30.83 7.88
N ASP B 239 -7.56 30.00 8.16
CA ASP B 239 -8.93 30.43 8.45
C ASP B 239 -9.65 31.01 7.24
N MET B 240 -8.94 31.09 6.11
CA MET B 240 -9.51 31.60 4.87
C MET B 240 -10.44 30.57 4.22
N PRO B 241 -11.67 31.01 3.83
CA PRO B 241 -12.64 30.14 3.14
C PRO B 241 -12.08 29.36 1.95
N ALA B 242 -12.72 28.23 1.63
CA ALA B 242 -12.31 27.33 0.54
C ALA B 242 -11.79 28.04 -0.72
N THR B 243 -12.47 29.12 -1.13
CA THR B 243 -12.03 29.93 -2.28
C THR B 243 -10.84 30.87 -1.91
N GLN B 244 -9.87 30.28 -1.21
CA GLN B 244 -8.54 30.85 -1.00
C GLN B 244 -7.75 30.71 -2.30
N MET B 245 -8.26 29.85 -3.17
CA MET B 245 -7.88 29.69 -4.56
C MET B 245 -7.49 31.01 -5.25
N LEU B 246 -8.40 31.97 -5.22
CA LEU B 246 -8.24 33.27 -5.89
C LEU B 246 -6.94 33.97 -5.55
N LEU B 247 -6.62 34.04 -4.25
CA LEU B 247 -5.39 34.68 -3.79
C LEU B 247 -4.12 33.90 -4.16
N GLU B 248 -4.22 32.56 -4.19
CA GLU B 248 -3.11 31.72 -4.65
C GLU B 248 -2.82 31.97 -6.13
N LYS B 249 -3.87 32.28 -6.87
CA LYS B 249 -3.74 32.83 -8.22
C LYS B 249 -3.40 34.33 -8.12
N PHE B 306 15.24 38.16 7.38
CA PHE B 306 15.72 36.94 6.71
C PHE B 306 16.66 37.29 5.55
N SER B 307 17.63 36.43 5.29
CA SER B 307 18.63 36.65 4.22
C SER B 307 17.96 36.69 2.83
N PRO B 308 18.52 37.47 1.90
CA PRO B 308 17.95 37.58 0.55
C PRO B 308 17.86 36.24 -0.19
N HIS B 309 18.80 35.33 0.08
CA HIS B 309 18.78 33.99 -0.51
C HIS B 309 17.52 33.22 -0.15
N PHE B 310 17.11 33.34 1.11
CA PHE B 310 15.86 32.77 1.60
C PHE B 310 14.66 33.28 0.82
N HIS B 311 14.61 34.59 0.60
CA HIS B 311 13.52 35.21 -0.16
C HIS B 311 13.46 34.64 -1.58
N HIS B 312 14.61 34.55 -2.25
CA HIS B 312 14.66 34.04 -3.62
C HIS B 312 14.33 32.55 -3.70
N PHE B 313 14.70 31.82 -2.65
CA PHE B 313 14.27 30.43 -2.47
C PHE B 313 12.76 30.30 -2.46
N VAL B 314 12.11 31.08 -1.60
CA VAL B 314 10.66 31.01 -1.39
C VAL B 314 9.90 31.45 -2.65
N GLU B 315 10.38 32.52 -3.29
CA GLU B 315 9.78 33.08 -4.50
C GLU B 315 9.88 32.13 -5.69
N GLN B 316 10.90 31.27 -5.67
CA GLN B 316 11.06 30.26 -6.72
C GLN B 316 10.07 29.11 -6.58
N CYS B 317 9.93 28.58 -5.36
CA CYS B 317 8.97 27.54 -5.04
C CYS B 317 7.55 27.95 -5.39
N LEU B 318 7.25 29.23 -5.18
CA LEU B 318 5.87 29.73 -5.19
C LEU B 318 5.38 30.26 -6.54
N GLN B 319 6.14 30.03 -7.60
CA GLN B 319 5.76 30.47 -8.94
C GLN B 319 4.45 29.84 -9.39
N ARG B 320 3.58 30.67 -9.97
CA ARG B 320 2.28 30.26 -10.50
C ARG B 320 2.44 29.14 -11.51
N ASN B 321 3.34 29.34 -12.47
CA ASN B 321 3.70 28.32 -13.46
C ASN B 321 4.56 27.22 -12.83
N PRO B 322 4.02 25.98 -12.73
CA PRO B 322 4.80 24.85 -12.21
C PRO B 322 6.00 24.45 -13.10
N ASP B 323 5.88 24.63 -14.41
CA ASP B 323 6.96 24.39 -15.37
C ASP B 323 8.16 25.29 -15.08
N ALA B 324 7.87 26.48 -14.56
CA ALA B 324 8.90 27.44 -14.14
C ALA B 324 9.61 27.05 -12.83
N ARG B 325 8.91 26.30 -11.97
CA ARG B 325 9.45 25.85 -10.67
C ARG B 325 10.61 24.86 -10.83
N PRO B 326 11.68 25.02 -10.03
CA PRO B 326 12.78 24.06 -10.12
C PRO B 326 12.43 22.72 -9.46
N SER B 327 13.08 21.65 -9.91
CA SER B 327 12.96 20.34 -9.28
C SER B 327 13.66 20.35 -7.92
N ALA B 328 13.37 19.34 -7.09
CA ALA B 328 13.99 19.23 -5.77
C ALA B 328 15.51 19.08 -5.84
N SER B 329 16.02 18.43 -6.89
CA SER B 329 17.46 18.22 -7.01
C SER B 329 18.23 19.52 -7.28
N THR B 330 17.67 20.37 -8.14
CA THR B 330 18.34 21.63 -8.49
C THR B 330 18.09 22.68 -7.42
N LEU B 331 16.99 22.52 -6.69
CA LEU B 331 16.65 23.37 -5.55
C LEU B 331 17.61 23.15 -4.39
N LEU B 332 18.17 21.93 -4.32
CA LEU B 332 19.17 21.58 -3.33
C LEU B 332 20.49 22.29 -3.62
N ASN B 333 20.69 22.70 -4.87
CA ASN B 333 21.84 23.50 -5.28
C ASN B 333 21.61 25.02 -5.15
N HIS B 334 20.46 25.41 -4.61
CA HIS B 334 20.10 26.82 -4.42
C HIS B 334 20.98 27.48 -3.35
N SER B 335 21.30 28.74 -3.58
CA SER B 335 22.13 29.56 -2.70
C SER B 335 21.72 29.46 -1.23
N PHE B 336 20.42 29.33 -0.98
CA PHE B 336 19.85 29.28 0.38
C PHE B 336 20.53 28.28 1.30
N PHE B 337 20.95 27.13 0.76
CA PHE B 337 21.53 26.08 1.57
C PHE B 337 23.06 26.18 1.75
N LYS B 338 23.67 27.20 1.15
CA LYS B 338 25.12 27.43 1.30
C LYS B 338 25.55 27.70 2.77
N GLN B 339 24.63 28.23 3.57
CA GLN B 339 24.88 28.53 4.99
C GLN B 339 25.03 27.28 5.90
N ILE B 340 24.81 26.09 5.34
CA ILE B 340 24.93 24.82 6.07
C ILE B 340 26.37 24.54 6.51
N ALA B 344 24.71 18.97 10.99
CA ALA B 344 23.38 18.58 10.52
C ALA B 344 22.67 17.73 11.58
N SER B 345 23.41 16.81 12.17
CA SER B 345 22.92 15.99 13.27
C SER B 345 23.63 16.39 14.58
N GLU B 346 24.27 17.56 14.55
CA GLU B 346 24.88 18.16 15.74
C GLU B 346 24.68 19.67 15.73
N ALA B 347 24.29 20.20 14.58
CA ALA B 347 23.95 21.62 14.41
C ALA B 347 22.49 21.93 14.75
N LEU B 348 21.59 20.97 14.50
CA LEU B 348 20.15 21.19 14.74
C LEU B 348 19.70 21.10 16.20
N PRO B 349 20.17 20.09 16.97
CA PRO B 349 19.75 20.05 18.37
C PRO B 349 20.02 21.36 19.10
N GLU B 350 21.20 21.94 18.88
CA GLU B 350 21.57 23.23 19.45
C GLU B 350 20.69 24.38 18.97
N LEU B 351 20.37 24.44 17.68
CA LEU B 351 19.46 25.47 17.15
C LEU B 351 18.04 25.38 17.73
N LEU B 352 17.69 24.20 18.25
CA LEU B 352 16.37 24.00 18.88
C LEU B 352 16.35 24.25 20.40
N ARG B 353 17.46 24.71 20.96
CA ARG B 353 17.49 25.11 22.36
C ARG B 353 16.49 26.25 22.57
N PRO B 354 15.81 26.30 23.75
CA PRO B 354 15.97 25.50 24.96
C PRO B 354 14.98 24.33 25.09
N VAL B 355 14.47 23.87 23.94
CA VAL B 355 13.55 22.73 23.91
C VAL B 355 14.32 21.46 24.27
N THR B 356 13.85 20.74 25.27
CA THR B 356 14.46 19.47 25.60
C THR B 356 13.53 18.30 25.22
N PRO B 357 14.08 17.29 24.53
CA PRO B 357 13.29 16.08 24.31
C PRO B 357 13.44 15.17 25.53
N ILE B 358 12.61 14.14 25.64
CA ILE B 358 12.75 13.17 26.72
C ILE B 358 13.41 11.89 26.23
N THR B 359 14.36 11.37 27.01
CA THR B 359 15.15 10.24 26.60
C THR B 359 14.89 9.02 27.51
N GLU B 383 -30.70 -6.99 20.94
CA GLU B 383 -32.03 -6.73 21.47
C GLU B 383 -32.92 -7.98 21.52
N VAL B 384 -33.02 -8.65 20.37
CA VAL B 384 -33.82 -9.88 20.21
C VAL B 384 -33.05 -11.09 20.77
N ASP B 385 -33.79 -12.04 21.36
CA ASP B 385 -33.21 -13.30 21.84
C ASP B 385 -32.69 -14.17 20.68
N ASP B 386 -31.74 -15.06 20.99
CA ASP B 386 -30.93 -15.73 19.97
C ASP B 386 -31.71 -16.69 19.07
N TRP B 387 -31.20 -16.88 17.85
CA TRP B 387 -31.80 -17.82 16.90
C TRP B 387 -31.82 -19.23 17.48
N GLU B 388 -32.82 -20.01 17.09
CA GLU B 388 -32.81 -21.43 17.43
C GLU B 388 -32.71 -22.24 16.16
N PHE B 389 -31.70 -23.12 16.13
CA PHE B 389 -31.47 -23.97 14.97
C PHE B 389 -31.79 -25.43 15.32
#